data_4QTB
#
_entry.id   4QTB
#
_cell.length_a   61.980
_cell.length_b   94.010
_cell.length_c   65.360
_cell.angle_alpha   90.00
_cell.angle_beta   91.71
_cell.angle_gamma   90.00
#
_symmetry.space_group_name_H-M   'P 1 21 1'
#
loop_
_entity.id
_entity.type
_entity.pdbx_description
1 polymer 'Mitogen-activated protein kinase 3'
2 non-polymer 1,2-ETHANEDIOL
3 non-polymer 'DIMETHYL SULFOXIDE'
4 non-polymer 'CHLORIDE ION'
5 non-polymer 'SULFATE ION'
6 non-polymer (3R)-1-(2-oxo-2-{4-[4-(pyrimidin-2-yl)phenyl]piperazin-1-yl}ethyl)-N-[3-(pyridin-4-yl)-2H-indazol-5-yl]pyrrolidine-3-carboxamide
7 water water
#
_entity_poly.entity_id   1
_entity_poly.type   'polypeptide(L)'
_entity_poly.pdbx_seq_one_letter_code
;SMAAAAAQGGGGGEPRRTEGVGPGVPGEVEMVKGQPFDVGPRYTQLQYIGEGAYGMVSSAYDHVRKTRVAIKKISPFEHQ
TYCQRTLREIQILLRFRHENVIGIRDILRASTLEAMRDVYIVQDLMETDLYKLLKSQQLSNDHICYFLYQILRGLKYIHS
ANVLHRDLKPSNLLINTTCDLKICDFGLARIADPEHDHTGFLTEYVATRWYRAPEIMLNSKGYTKSIDIWSVGCILAEML
SNRPIFPGKHYLDQLNHILGILGSPSQEDLNCIINMKARNYLQSLPSKTKVAWAKLFPKSDSKALDLLDRMLTFNPNKRI
TVEEALAHPYLEQYYDPTDEPVAEEPFTFAMELDDLPKERLKELIFQETARFQPGVLEAP
;
_entity_poly.pdbx_strand_id   A,B
#
# COMPACT_ATOMS: atom_id res chain seq x y z
N VAL A 25 -17.72 50.26 19.77
CA VAL A 25 -18.01 49.98 21.22
C VAL A 25 -16.73 49.38 21.82
N PRO A 26 -16.21 49.99 22.91
CA PRO A 26 -14.93 49.50 23.49
C PRO A 26 -15.03 48.07 24.00
N GLY A 27 -14.05 47.23 23.64
CA GLY A 27 -14.01 45.82 24.09
C GLY A 27 -14.99 44.92 23.33
N GLU A 28 -15.56 45.44 22.25
CA GLU A 28 -16.55 44.72 21.49
C GLU A 28 -15.92 43.44 20.92
N VAL A 29 -16.75 42.46 20.72
CA VAL A 29 -16.34 41.32 19.90
C VAL A 29 -16.69 41.69 18.47
N GLU A 30 -15.68 41.83 17.62
CA GLU A 30 -15.90 42.17 16.22
C GLU A 30 -16.46 41.02 15.43
N MET A 31 -17.33 41.35 14.50
CA MET A 31 -18.04 40.38 13.70
C MET A 31 -17.49 40.43 12.32
N VAL A 32 -17.32 39.26 11.74
CA VAL A 32 -16.94 39.11 10.32
C VAL A 32 -17.97 38.25 9.66
N LYS A 33 -18.77 38.86 8.79
CA LYS A 33 -19.79 38.16 8.09
C LYS A 33 -20.65 37.31 9.07
N GLY A 34 -21.08 37.97 10.15
CA GLY A 34 -21.96 37.33 11.16
C GLY A 34 -21.25 36.37 12.11
N GLN A 35 -19.93 36.23 12.00
CA GLN A 35 -19.14 35.30 12.84
CA GLN A 35 -19.23 35.35 12.89
C GLN A 35 -18.33 36.13 13.83
N PRO A 36 -18.46 35.88 15.15
CA PRO A 36 -17.63 36.58 16.09
C PRO A 36 -16.20 36.15 15.97
N PHE A 37 -15.30 37.10 15.89
CA PHE A 37 -13.85 36.82 15.94
C PHE A 37 -13.34 37.44 17.22
N ASP A 38 -13.38 36.65 18.31
CA ASP A 38 -13.00 37.09 19.64
C ASP A 38 -11.51 37.04 19.84
N VAL A 39 -10.85 38.07 19.31
CA VAL A 39 -9.38 38.12 19.32
C VAL A 39 -8.77 39.38 19.89
N GLY A 40 -9.62 40.25 20.45
CA GLY A 40 -9.17 41.43 21.13
C GLY A 40 -8.70 41.08 22.50
N PRO A 41 -7.93 41.98 23.12
CA PRO A 41 -7.63 43.32 22.63
C PRO A 41 -6.39 43.38 21.73
N ARG A 42 -5.65 42.28 21.57
CA ARG A 42 -4.43 42.38 20.80
C ARG A 42 -4.72 42.64 19.33
N TYR A 43 -5.80 42.02 18.84
CA TYR A 43 -6.06 42.06 17.42
C TYR A 43 -7.41 42.72 17.19
N THR A 44 -7.46 43.77 16.38
CA THR A 44 -8.74 44.50 16.11
C THR A 44 -8.84 44.89 14.64
N GLN A 45 -9.88 45.58 14.26
CA GLN A 45 -10.07 46.04 12.88
C GLN A 45 -10.03 44.88 11.90
N LEU A 46 -10.92 43.93 12.19
CA LEU A 46 -11.06 42.72 11.41
C LEU A 46 -11.73 42.99 10.07
N GLN A 47 -11.20 42.40 9.03
CA GLN A 47 -11.74 42.51 7.68
C GLN A 47 -11.75 41.14 7.05
N TYR A 48 -12.88 40.74 6.51
CA TYR A 48 -12.99 39.46 5.83
C TYR A 48 -12.02 39.24 4.64
N ILE A 49 -11.43 38.05 4.56
CA ILE A 49 -10.67 37.67 3.39
C ILE A 49 -11.38 36.57 2.64
N GLY A 50 -11.80 35.47 3.31
CA GLY A 50 -12.43 34.39 2.63
C GLY A 50 -12.90 33.32 3.58
N GLU A 51 -13.48 32.29 3.05
CA GLU A 51 -14.05 31.25 3.88
C GLU A 51 -14.09 29.96 3.14
N GLY A 52 -14.35 28.90 3.88
CA GLY A 52 -14.37 27.55 3.32
C GLY A 52 -14.86 26.59 4.41
N ALA A 53 -14.79 25.30 4.15
CA ALA A 53 -15.26 24.31 5.12
C ALA A 53 -14.46 24.48 6.44
N TYR A 54 -13.18 24.82 6.31
CA TYR A 54 -12.30 25.05 7.46
C TYR A 54 -12.79 26.09 8.48
N GLY A 55 -13.62 27.07 8.06
CA GLY A 55 -13.91 28.24 8.87
C GLY A 55 -13.81 29.50 8.03
N MET A 56 -13.21 30.56 8.57
CA MET A 56 -13.18 31.85 7.90
C MET A 56 -11.83 32.49 8.17
N VAL A 57 -11.31 33.18 7.16
CA VAL A 57 -10.06 33.93 7.32
CA VAL A 57 -10.04 33.94 7.31
C VAL A 57 -10.32 35.42 7.17
N SER A 58 -9.67 36.19 8.01
CA SER A 58 -9.80 37.65 8.05
CA SER A 58 -9.81 37.65 8.13
C SER A 58 -8.41 38.25 8.11
N SER A 59 -8.30 39.54 7.86
CA SER A 59 -7.12 40.31 8.30
C SER A 59 -7.48 41.09 9.55
N ALA A 60 -6.47 41.43 10.33
CA ALA A 60 -6.58 42.17 11.57
C ALA A 60 -5.34 43.00 11.78
N TYR A 61 -5.49 44.03 12.60
CA TYR A 61 -4.35 44.82 13.07
C TYR A 61 -3.86 44.24 14.39
N ASP A 62 -2.59 43.93 14.44
CA ASP A 62 -1.91 43.45 15.65
C ASP A 62 -1.29 44.64 16.40
N HIS A 63 -1.88 44.98 17.54
CA HIS A 63 -1.42 46.12 18.32
C HIS A 63 -0.06 45.91 18.98
N VAL A 64 0.44 44.68 19.05
CA VAL A 64 1.77 44.46 19.57
C VAL A 64 2.77 44.71 18.48
N ARG A 65 2.65 44.01 17.37
CA ARG A 65 3.62 44.15 16.29
C ARG A 65 3.40 45.36 15.37
N LYS A 66 2.23 46.00 15.48
CA LYS A 66 1.87 47.20 14.72
C LYS A 66 1.85 46.93 13.24
N THR A 67 1.16 45.87 12.87
CA THR A 67 1.07 45.48 11.49
C THR A 67 -0.21 44.68 11.31
N ARG A 68 -0.69 44.58 10.09
CA ARG A 68 -1.83 43.72 9.80
C ARG A 68 -1.36 42.30 9.51
N VAL A 69 -2.18 41.36 9.94
CA VAL A 69 -1.92 39.93 9.89
C VAL A 69 -3.18 39.22 9.39
N ALA A 70 -3.04 37.94 9.04
CA ALA A 70 -4.20 37.11 8.76
C ALA A 70 -4.56 36.35 10.02
N ILE A 71 -5.85 36.23 10.29
CA ILE A 71 -6.34 35.37 11.39
C ILE A 71 -7.49 34.53 10.87
N LYS A 72 -7.36 33.21 11.05
CA LYS A 72 -8.42 32.33 10.68
C LYS A 72 -9.05 31.71 11.91
N LYS A 73 -10.40 31.59 11.87
CA LYS A 73 -11.18 31.03 12.97
C LYS A 73 -11.57 29.63 12.57
N ILE A 74 -11.15 28.66 13.34
CA ILE A 74 -11.46 27.27 13.11
C ILE A 74 -12.26 26.76 14.31
N SER A 75 -13.38 26.09 14.03
CA SER A 75 -14.30 25.62 15.07
C SER A 75 -14.66 24.16 14.80
N PRO A 76 -13.73 23.22 15.12
CA PRO A 76 -13.82 21.87 14.63
C PRO A 76 -14.35 20.83 15.59
N PHE A 77 -14.72 21.24 16.81
CA PHE A 77 -14.83 20.30 17.93
C PHE A 77 -16.05 19.38 17.95
N GLU A 78 -16.98 19.61 17.03
CA GLU A 78 -18.15 18.74 16.88
C GLU A 78 -17.87 17.45 16.14
N HIS A 79 -16.80 17.37 15.36
CA HIS A 79 -16.52 16.17 14.60
CA HIS A 79 -16.51 16.13 14.64
C HIS A 79 -15.07 15.74 14.63
N GLN A 80 -14.85 14.43 14.76
CA GLN A 80 -13.54 13.89 14.82
C GLN A 80 -12.73 14.22 13.59
N THR A 81 -13.32 14.17 12.39
CA THR A 81 -12.55 14.45 11.21
CA THR A 81 -12.60 14.46 11.19
C THR A 81 -12.06 15.90 11.19
N TYR A 82 -12.88 16.84 11.65
CA TYR A 82 -12.46 18.22 11.63
C TYR A 82 -11.32 18.43 12.61
N CYS A 83 -11.37 17.71 13.71
CA CYS A 83 -10.32 17.78 14.71
C CYS A 83 -9.00 17.17 14.18
N GLN A 84 -9.08 16.10 13.37
CA GLN A 84 -7.88 15.51 12.78
CA GLN A 84 -7.88 15.49 12.74
C GLN A 84 -7.20 16.57 11.88
N ARG A 85 -7.99 17.28 11.09
CA ARG A 85 -7.41 18.24 10.11
C ARG A 85 -6.80 19.43 10.84
N THR A 86 -7.45 19.82 11.94
CA THR A 86 -6.98 20.95 12.75
C THR A 86 -5.68 20.62 13.44
N LEU A 87 -5.63 19.44 14.05
CA LEU A 87 -4.40 19.02 14.71
C LEU A 87 -3.25 18.89 13.70
N ARG A 88 -3.51 18.33 12.53
CA ARG A 88 -2.47 18.10 11.53
C ARG A 88 -1.89 19.43 11.07
N GLU A 89 -2.75 20.39 10.74
CA GLU A 89 -2.36 21.74 10.33
C GLU A 89 -1.44 22.35 11.40
N ILE A 90 -1.85 22.33 12.66
CA ILE A 90 -1.10 22.93 13.71
C ILE A 90 0.24 22.22 13.93
N GLN A 91 0.20 20.90 14.07
CA GLN A 91 1.41 20.18 14.42
C GLN A 91 2.50 20.37 13.36
N ILE A 92 2.12 20.32 12.09
CA ILE A 92 3.11 20.55 11.01
C ILE A 92 3.58 21.99 10.98
N LEU A 93 2.67 22.95 10.93
CA LEU A 93 3.08 24.32 10.71
C LEU A 93 3.83 24.94 11.88
N LEU A 94 3.55 24.51 13.11
CA LEU A 94 4.38 24.98 14.20
C LEU A 94 5.80 24.52 14.14
N ARG A 95 6.12 23.47 13.41
N ARG A 95 6.09 23.43 13.41
CA ARG A 95 7.47 22.96 13.37
CA ARG A 95 7.43 22.75 13.35
C ARG A 95 8.21 23.47 12.12
C ARG A 95 8.10 22.87 11.99
N PHE A 96 7.54 23.42 10.98
N PHE A 96 7.47 23.66 11.11
CA PHE A 96 8.14 23.91 9.72
CA PHE A 96 8.06 24.00 9.81
C PHE A 96 8.50 25.41 9.84
C PHE A 96 8.49 25.47 9.84
N ARG A 97 9.61 25.77 9.19
CA ARG A 97 9.99 27.16 9.00
C ARG A 97 10.73 27.26 7.67
N HIS A 98 10.06 27.85 6.69
CA HIS A 98 10.63 27.96 5.35
C HIS A 98 9.98 29.12 4.64
N GLU A 99 10.77 29.83 3.83
CA GLU A 99 10.28 30.99 3.10
C GLU A 99 9.07 30.72 2.21
N ASN A 100 8.97 29.51 1.67
CA ASN A 100 7.87 29.17 0.77
C ASN A 100 6.77 28.34 1.39
N VAL A 101 6.69 28.36 2.73
CA VAL A 101 5.63 27.66 3.49
C VAL A 101 5.05 28.68 4.48
N ILE A 102 3.73 28.81 4.55
CA ILE A 102 3.16 29.76 5.51
C ILE A 102 3.48 29.29 6.92
N GLY A 103 3.82 30.25 7.78
CA GLY A 103 4.08 29.94 9.17
C GLY A 103 2.89 30.16 10.05
N ILE A 104 3.05 29.90 11.34
CA ILE A 104 2.10 30.32 12.37
C ILE A 104 2.78 31.33 13.28
N ARG A 105 2.18 32.52 13.43
CA ARG A 105 2.74 33.57 14.26
C ARG A 105 2.20 33.52 15.71
N ASP A 106 0.96 33.10 15.87
CA ASP A 106 0.28 33.09 17.18
C ASP A 106 -0.94 32.23 17.08
N ILE A 107 -1.40 31.73 18.21
CA ILE A 107 -2.65 31.02 18.24
C ILE A 107 -3.41 31.47 19.49
N LEU A 108 -4.68 31.83 19.32
CA LEU A 108 -5.55 32.22 20.46
C LEU A 108 -6.59 31.13 20.69
N ARG A 109 -6.87 30.82 21.95
CA ARG A 109 -7.96 29.95 22.32
C ARG A 109 -8.20 30.13 23.83
N ALA A 110 -9.33 29.60 24.30
CA ALA A 110 -9.72 29.79 25.67
C ALA A 110 -8.78 29.18 26.65
N SER A 111 -8.83 29.67 27.90
CA SER A 111 -7.85 29.20 28.90
C SER A 111 -8.16 27.82 29.45
N THR A 112 -9.38 27.33 29.26
CA THR A 112 -9.73 25.99 29.65
C THR A 112 -10.25 25.16 28.47
N LEU A 113 -10.11 23.85 28.57
CA LEU A 113 -10.53 22.94 27.55
C LEU A 113 -12.05 23.03 27.32
N GLU A 114 -12.81 23.09 28.40
CA GLU A 114 -14.25 23.12 28.34
C GLU A 114 -14.79 24.37 27.64
N ALA A 115 -14.12 25.48 27.81
CA ALA A 115 -14.50 26.74 27.24
C ALA A 115 -14.05 26.83 25.77
N MET A 116 -13.09 26.01 25.38
CA MET A 116 -12.49 26.16 24.02
C MET A 116 -13.46 25.58 22.98
N ARG A 117 -14.01 26.47 22.14
CA ARG A 117 -14.82 26.13 20.99
C ARG A 117 -14.16 26.49 19.65
N ASP A 118 -13.20 27.40 19.71
CA ASP A 118 -12.57 28.04 18.55
C ASP A 118 -11.10 28.07 18.71
N VAL A 119 -10.36 27.94 17.60
CA VAL A 119 -8.93 28.19 17.59
C VAL A 119 -8.70 29.25 16.56
N TYR A 120 -8.00 30.30 16.92
CA TYR A 120 -7.68 31.39 16.01
C TYR A 120 -6.19 31.27 15.69
N ILE A 121 -5.88 31.12 14.40
CA ILE A 121 -4.47 30.90 14.00
C ILE A 121 -4.04 32.13 13.22
N VAL A 122 -3.01 32.79 13.71
CA VAL A 122 -2.54 34.06 13.16
C VAL A 122 -1.34 33.73 12.26
N GLN A 123 -1.33 34.28 11.04
CA GLN A 123 -0.33 34.00 10.04
C GLN A 123 0.01 35.29 9.29
N ASP A 124 1.13 35.27 8.59
CA ASP A 124 1.52 36.41 7.76
C ASP A 124 0.40 36.74 6.78
N LEU A 125 0.13 38.03 6.60
CA LEU A 125 -0.83 38.51 5.59
C LEU A 125 -0.19 38.56 4.23
N MET A 126 -0.80 37.92 3.25
CA MET A 126 -0.37 37.97 1.85
C MET A 126 -1.38 38.78 1.06
N GLU A 127 -1.11 38.97 -0.23
CA GLU A 127 -1.94 39.88 -1.03
C GLU A 127 -3.03 39.12 -1.76
N THR A 128 -2.73 37.94 -2.22
CA THR A 128 -3.63 37.20 -3.04
C THR A 128 -3.29 35.72 -2.99
N ASP A 129 -3.97 34.95 -3.84
CA ASP A 129 -3.54 33.56 -4.08
C ASP A 129 -3.54 33.27 -5.55
N LEU A 130 -2.93 32.14 -5.92
CA LEU A 130 -2.75 31.89 -7.36
C LEU A 130 -4.08 31.64 -8.07
N TYR A 131 -5.08 31.14 -7.37
CA TYR A 131 -6.40 31.00 -7.99
C TYR A 131 -6.92 32.35 -8.44
N LYS A 132 -6.92 33.29 -7.51
CA LYS A 132 -7.39 34.67 -7.81
C LYS A 132 -6.54 35.27 -8.92
N LEU A 133 -5.23 35.08 -8.86
CA LEU A 133 -4.37 35.70 -9.81
C LEU A 133 -4.62 35.16 -11.22
N LEU A 134 -4.79 33.85 -11.37
CA LEU A 134 -5.01 33.24 -12.69
C LEU A 134 -6.40 33.56 -13.23
N LYS A 135 -7.39 33.90 -12.40
CA LYS A 135 -8.63 34.42 -12.96
C LYS A 135 -8.47 35.82 -13.52
N SER A 136 -7.51 36.55 -12.95
CA SER A 136 -7.36 37.99 -13.25
CA SER A 136 -7.38 38.00 -13.24
C SER A 136 -6.47 38.26 -14.43
N GLN A 137 -5.48 37.44 -14.67
CA GLN A 137 -4.57 37.76 -15.77
C GLN A 137 -3.75 36.59 -16.25
N GLN A 138 -3.29 36.71 -17.47
CA GLN A 138 -2.33 35.84 -18.04
C GLN A 138 -0.98 36.20 -17.44
N LEU A 139 -0.25 35.19 -17.06
CA LEU A 139 1.12 35.39 -16.52
C LEU A 139 2.14 35.34 -17.61
N SER A 140 3.21 36.13 -17.42
CA SER A 140 4.35 36.02 -18.31
C SER A 140 5.04 34.69 -18.06
N ASN A 141 5.85 34.27 -19.01
CA ASN A 141 6.74 33.08 -18.81
C ASN A 141 7.64 33.28 -17.60
N ASP A 142 8.14 34.50 -17.36
CA ASP A 142 9.00 34.76 -16.20
C ASP A 142 8.24 34.42 -14.91
N HIS A 143 7.00 34.86 -14.84
CA HIS A 143 6.25 34.68 -13.60
C HIS A 143 5.85 33.22 -13.40
N ILE A 144 5.46 32.57 -14.46
CA ILE A 144 5.17 31.13 -14.42
C ILE A 144 6.37 30.38 -13.89
N CYS A 145 7.53 30.68 -14.45
CA CYS A 145 8.76 29.96 -14.12
C CYS A 145 9.10 30.21 -12.66
N TYR A 146 9.05 31.46 -12.24
CA TYR A 146 9.45 31.83 -10.89
C TYR A 146 8.47 31.30 -9.83
N PHE A 147 7.16 31.40 -10.11
CA PHE A 147 6.17 30.77 -9.19
C PHE A 147 6.41 29.28 -9.07
N LEU A 148 6.64 28.61 -10.20
CA LEU A 148 6.95 27.19 -10.20
C LEU A 148 8.15 26.88 -9.36
N TYR A 149 9.20 27.67 -9.55
CA TYR A 149 10.42 27.49 -8.75
C TYR A 149 10.09 27.53 -7.23
N GLN A 150 9.34 28.53 -6.80
CA GLN A 150 9.01 28.67 -5.38
C GLN A 150 8.13 27.54 -4.89
N ILE A 151 7.18 27.09 -5.69
CA ILE A 151 6.37 25.91 -5.29
C ILE A 151 7.28 24.75 -5.02
N LEU A 152 8.19 24.51 -5.93
CA LEU A 152 9.11 23.35 -5.83
C LEU A 152 10.12 23.52 -4.69
N ARG A 153 10.60 24.74 -4.48
CA ARG A 153 11.50 25.01 -3.40
C ARG A 153 10.82 24.70 -2.02
N GLY A 154 9.58 25.16 -1.86
CA GLY A 154 8.77 24.84 -0.69
C GLY A 154 8.52 23.36 -0.56
N LEU A 155 8.20 22.72 -1.69
CA LEU A 155 7.91 21.32 -1.66
C LEU A 155 9.13 20.49 -1.33
N LYS A 156 10.33 20.92 -1.76
CA LYS A 156 11.55 20.20 -1.39
C LYS A 156 11.67 20.16 0.14
N TYR A 157 11.41 21.28 0.80
CA TYR A 157 11.46 21.34 2.25
C TYR A 157 10.42 20.39 2.85
N ILE A 158 9.19 20.48 2.39
CA ILE A 158 8.09 19.64 2.89
C ILE A 158 8.43 18.16 2.74
N HIS A 159 8.81 17.78 1.54
CA HIS A 159 9.19 16.36 1.25
C HIS A 159 10.40 15.92 2.05
N SER A 160 11.33 16.85 2.38
CA SER A 160 12.54 16.48 3.13
C SER A 160 12.17 16.02 4.55
N ALA A 161 10.99 16.43 5.04
CA ALA A 161 10.48 15.93 6.35
C ALA A 161 9.63 14.67 6.21
N ASN A 162 9.60 14.11 5.00
CA ASN A 162 8.73 13.02 4.57
C ASN A 162 7.25 13.35 4.69
N VAL A 163 6.89 14.63 4.64
CA VAL A 163 5.50 15.10 4.69
C VAL A 163 5.03 15.22 3.23
N LEU A 164 3.79 14.76 3.04
CA LEU A 164 3.06 14.88 1.81
C LEU A 164 2.02 15.93 2.06
N HIS A 165 1.91 16.92 1.18
CA HIS A 165 0.92 17.96 1.33
C HIS A 165 -0.51 17.40 1.03
N ARG A 166 -0.62 16.82 -0.16
CA ARG A 166 -1.80 16.09 -0.67
C ARG A 166 -2.97 16.96 -1.05
N ASP A 167 -2.83 18.28 -1.08
CA ASP A 167 -3.95 19.10 -1.60
C ASP A 167 -3.42 20.33 -2.28
N LEU A 168 -2.31 20.22 -3.01
CA LEU A 168 -1.75 21.38 -3.73
C LEU A 168 -2.68 21.78 -4.85
N LYS A 169 -2.96 23.07 -4.94
CA LYS A 169 -3.83 23.63 -5.96
C LYS A 169 -3.67 25.17 -5.87
N PRO A 170 -4.14 25.91 -6.89
CA PRO A 170 -3.82 27.34 -6.91
C PRO A 170 -4.28 28.14 -5.69
N SER A 171 -5.44 27.81 -5.11
CA SER A 171 -5.96 28.51 -3.95
C SER A 171 -5.15 28.25 -2.69
N ASN A 172 -4.27 27.24 -2.71
CA ASN A 172 -3.39 27.01 -1.57
C ASN A 172 -1.98 27.54 -1.77
N LEU A 173 -1.81 28.44 -2.73
CA LEU A 173 -0.49 29.05 -2.99
C LEU A 173 -0.75 30.56 -2.82
N LEU A 174 -0.19 31.10 -1.75
CA LEU A 174 -0.43 32.48 -1.37
C LEU A 174 0.70 33.33 -1.95
N ILE A 175 0.37 34.56 -2.38
CA ILE A 175 1.34 35.42 -3.11
C ILE A 175 1.28 36.83 -2.56
N ASN A 176 2.43 37.47 -2.40
CA ASN A 176 2.48 38.87 -1.90
C ASN A 176 2.87 39.82 -3.00
N THR A 177 3.01 41.11 -2.65
CA THR A 177 3.24 42.12 -3.68
C THR A 177 4.64 42.08 -4.29
N THR A 178 5.59 41.40 -3.64
CA THR A 178 6.90 41.19 -4.25
C THR A 178 7.02 39.79 -4.96
N CYS A 179 5.87 39.14 -5.22
CA CYS A 179 5.77 37.85 -5.94
C CYS A 179 6.39 36.69 -5.14
N ASP A 180 6.54 36.87 -3.83
CA ASP A 180 6.89 35.76 -2.95
C ASP A 180 5.67 34.85 -2.82
N LEU A 181 5.93 33.56 -2.89
CA LEU A 181 4.89 32.52 -2.85
C LEU A 181 5.07 31.62 -1.65
N LYS A 182 3.95 31.36 -0.95
CA LYS A 182 3.94 30.46 0.21
C LYS A 182 2.83 29.43 0.09
N ILE A 183 3.20 28.19 0.32
CA ILE A 183 2.26 27.09 0.36
C ILE A 183 1.50 27.05 1.66
N CYS A 184 0.20 26.87 1.58
CA CYS A 184 -0.66 26.78 2.79
C CYS A 184 -1.55 25.51 2.73
N ASP A 185 -2.23 25.26 3.87
CA ASP A 185 -3.27 24.23 4.06
C ASP A 185 -2.70 22.81 4.11
N PHE A 186 -2.29 22.41 5.30
CA PHE A 186 -1.74 21.10 5.55
C PHE A 186 -2.76 20.18 6.26
N GLY A 187 -4.06 20.46 6.12
CA GLY A 187 -5.08 19.66 6.82
C GLY A 187 -5.13 18.22 6.35
N LEU A 188 -4.76 17.94 5.12
CA LEU A 188 -4.78 16.56 4.58
C LEU A 188 -3.41 15.99 4.52
N ALA A 189 -2.42 16.65 5.11
CA ALA A 189 -1.07 16.17 5.00
C ALA A 189 -0.85 14.87 5.76
N ARG A 190 0.09 14.05 5.26
CA ARG A 190 0.44 12.78 5.89
CA ARG A 190 0.42 12.77 5.87
C ARG A 190 1.90 12.53 5.69
N ILE A 191 2.41 11.44 6.24
CA ILE A 191 3.77 11.02 6.04
C ILE A 191 3.84 9.98 4.93
N ALA A 192 4.93 10.03 4.15
CA ALA A 192 5.18 9.03 3.11
C ALA A 192 5.12 7.66 3.74
N ASP A 193 4.35 6.76 3.14
CA ASP A 193 4.11 5.42 3.73
C ASP A 193 3.89 4.45 2.55
N PRO A 194 4.97 4.19 1.80
CA PRO A 194 4.85 3.30 0.62
C PRO A 194 4.33 1.90 1.00
N GLU A 195 4.63 1.44 2.21
CA GLU A 195 4.14 0.12 2.61
CA GLU A 195 4.11 0.14 2.63
C GLU A 195 2.62 0.03 2.50
N HIS A 196 1.92 1.13 2.77
CA HIS A 196 0.46 1.14 2.87
C HIS A 196 -0.26 1.93 1.77
N ASP A 197 0.44 2.15 0.66
CA ASP A 197 -0.14 2.97 -0.43
C ASP A 197 -1.31 2.30 -1.14
N HIS A 198 -1.31 0.97 -1.17
CA HIS A 198 -2.28 0.25 -2.05
C HIS A 198 -3.72 0.32 -1.57
N THR A 199 -4.65 0.49 -2.50
CA THR A 199 -6.04 0.41 -2.19
C THR A 199 -6.79 -0.06 -3.46
N GLY A 200 -8.08 -0.28 -3.36
CA GLY A 200 -8.89 -0.74 -4.47
C GLY A 200 -9.24 0.34 -5.48
N PHE A 201 -9.89 -0.08 -6.55
CA PHE A 201 -10.39 0.78 -7.59
C PHE A 201 -11.52 1.63 -7.04
N LEU A 202 -11.51 2.89 -7.47
CA LEU A 202 -12.54 3.88 -7.09
C LEU A 202 -12.70 4.04 -5.57
N THR A 203 -11.60 4.12 -4.84
CA THR A 203 -11.58 4.42 -3.39
C THR A 203 -11.86 5.89 -3.20
N GLU A 204 -12.79 6.20 -2.29
CA GLU A 204 -13.13 7.61 -2.01
C GLU A 204 -11.88 8.36 -1.54
N TYR A 205 -11.79 9.62 -1.90
CA TYR A 205 -10.60 10.43 -1.63
C TYR A 205 -11.04 11.81 -1.24
N VAL A 206 -10.30 12.43 -0.32
CA VAL A 206 -10.78 13.67 0.25
C VAL A 206 -10.21 14.90 -0.47
N ALA A 207 -9.03 14.79 -1.05
CA ALA A 207 -8.40 15.96 -1.70
C ALA A 207 -9.14 16.39 -2.96
N THR A 208 -8.88 17.63 -3.35
CA THR A 208 -9.55 18.28 -4.45
C THR A 208 -9.47 17.49 -5.76
N ARG A 209 -10.65 17.24 -6.35
CA ARG A 209 -10.75 16.34 -7.49
C ARG A 209 -9.80 16.64 -8.65
N TRP A 210 -9.78 17.90 -9.09
CA TRP A 210 -9.08 18.25 -10.32
C TRP A 210 -7.58 18.06 -10.27
N TYR A 211 -7.02 17.93 -9.05
CA TYR A 211 -5.57 17.84 -8.84
C TYR A 211 -5.13 16.44 -8.40
N ARG A 212 -6.04 15.49 -8.46
CA ARG A 212 -5.76 14.08 -8.11
C ARG A 212 -5.04 13.34 -9.20
N ALA A 213 -3.93 12.66 -8.86
CA ALA A 213 -3.20 11.85 -9.79
C ALA A 213 -4.07 10.69 -10.24
N PRO A 214 -3.76 10.12 -11.41
CA PRO A 214 -4.65 9.05 -11.91
C PRO A 214 -4.71 7.83 -11.00
N GLU A 215 -3.58 7.50 -10.38
CA GLU A 215 -3.51 6.32 -9.52
C GLU A 215 -4.44 6.43 -8.31
N ILE A 216 -4.81 7.65 -7.87
CA ILE A 216 -5.79 7.77 -6.79
C ILE A 216 -7.09 7.04 -7.11
N MET A 217 -7.46 7.02 -8.39
CA MET A 217 -8.73 6.43 -8.82
C MET A 217 -8.60 4.93 -9.10
N LEU A 218 -7.37 4.42 -9.14
CA LEU A 218 -7.03 3.06 -9.57
C LEU A 218 -6.56 2.19 -8.47
N ASN A 219 -5.59 2.67 -7.69
CA ASN A 219 -4.90 1.76 -6.74
C ASN A 219 -4.08 2.42 -5.61
N SER A 220 -4.30 3.71 -5.37
CA SER A 220 -3.37 4.44 -4.49
C SER A 220 -4.14 5.29 -3.51
N LYS A 221 -3.69 5.25 -2.26
CA LYS A 221 -4.18 6.11 -1.22
C LYS A 221 -3.49 7.49 -1.23
N GLY A 222 -2.46 7.71 -2.06
CA GLY A 222 -1.73 8.99 -2.05
C GLY A 222 -0.77 9.11 -0.90
N TYR A 223 -0.06 8.03 -0.61
CA TYR A 223 0.92 8.03 0.49
C TYR A 223 2.36 8.07 0.01
N THR A 224 2.61 8.56 -1.24
CA THR A 224 3.99 8.71 -1.71
C THR A 224 4.18 10.10 -2.32
N LYS A 225 5.43 10.53 -2.42
CA LYS A 225 5.73 11.87 -2.83
C LYS A 225 5.26 12.23 -4.25
N SER A 226 5.13 11.20 -5.08
CA SER A 226 4.62 11.39 -6.41
C SER A 226 3.23 12.05 -6.48
N ILE A 227 2.43 11.92 -5.41
CA ILE A 227 1.12 12.50 -5.39
C ILE A 227 1.19 14.01 -5.51
N ASP A 228 2.17 14.62 -4.85
CA ASP A 228 2.28 16.06 -4.87
C ASP A 228 2.88 16.56 -6.18
N ILE A 229 3.80 15.80 -6.74
CA ILE A 229 4.36 16.18 -8.02
C ILE A 229 3.30 16.24 -9.13
N TRP A 230 2.38 15.29 -9.12
CA TRP A 230 1.26 15.34 -10.06
C TRP A 230 0.49 16.67 -9.92
N SER A 231 0.16 17.03 -8.68
CA SER A 231 -0.61 18.24 -8.47
C SER A 231 0.16 19.47 -8.94
N VAL A 232 1.45 19.49 -8.71
CA VAL A 232 2.28 20.58 -9.24
C VAL A 232 2.21 20.66 -10.73
N GLY A 233 2.30 19.53 -11.39
CA GLY A 233 2.16 19.50 -12.86
C GLY A 233 0.83 20.06 -13.31
N CYS A 234 -0.23 19.74 -12.59
CA CYS A 234 -1.56 20.34 -12.86
C CYS A 234 -1.56 21.86 -12.70
N ILE A 235 -0.84 22.34 -11.67
CA ILE A 235 -0.72 23.77 -11.42
C ILE A 235 0.08 24.44 -12.52
N LEU A 236 1.18 23.83 -12.95
CA LEU A 236 1.92 24.39 -14.05
C LEU A 236 1.07 24.53 -15.30
N ALA A 237 0.34 23.48 -15.66
CA ALA A 237 -0.55 23.53 -16.83
C ALA A 237 -1.54 24.67 -16.73
N GLU A 238 -2.08 24.83 -15.55
CA GLU A 238 -3.05 25.86 -15.29
C GLU A 238 -2.42 27.25 -15.38
N MET A 239 -1.16 27.42 -14.97
CA MET A 239 -0.45 28.71 -15.13
C MET A 239 -0.19 29.00 -16.61
N LEU A 240 0.01 27.96 -17.41
CA LEU A 240 0.30 28.11 -18.85
C LEU A 240 -0.95 28.56 -19.57
N SER A 241 -2.11 28.08 -19.18
CA SER A 241 -3.35 28.27 -19.99
C SER A 241 -4.47 29.02 -19.32
N ASN A 242 -4.33 29.34 -18.04
CA ASN A 242 -5.38 29.95 -17.24
C ASN A 242 -6.67 29.13 -17.16
N ARG A 243 -6.57 27.81 -17.24
CA ARG A 243 -7.71 26.96 -16.96
C ARG A 243 -7.20 25.63 -16.43
N PRO A 244 -7.97 24.99 -15.58
CA PRO A 244 -7.53 23.68 -15.09
C PRO A 244 -7.38 22.68 -16.21
N ILE A 245 -6.32 21.87 -16.16
CA ILE A 245 -6.06 20.92 -17.24
C ILE A 245 -7.08 19.75 -17.26
N PHE A 246 -7.46 19.27 -16.07
CA PHE A 246 -8.31 18.08 -15.92
C PHE A 246 -9.53 18.38 -15.00
N PRO A 247 -10.51 19.15 -15.50
CA PRO A 247 -11.63 19.56 -14.66
C PRO A 247 -12.75 18.49 -14.60
N GLY A 248 -12.49 17.34 -13.99
CA GLY A 248 -13.52 16.28 -13.91
C GLY A 248 -14.75 16.78 -13.18
N LYS A 249 -15.92 16.34 -13.63
CA LYS A 249 -17.22 16.74 -13.09
C LYS A 249 -17.73 15.80 -12.02
N HIS A 250 -17.05 14.68 -11.85
CA HIS A 250 -17.34 13.70 -10.84
C HIS A 250 -16.17 12.76 -10.79
N TYR A 251 -16.18 11.87 -9.83
CA TYR A 251 -15.03 11.06 -9.46
C TYR A 251 -14.37 10.30 -10.63
N LEU A 252 -15.15 9.51 -11.38
CA LEU A 252 -14.60 8.73 -12.47
C LEU A 252 -14.24 9.61 -13.70
N ASP A 253 -15.05 10.66 -13.90
CA ASP A 253 -14.79 11.63 -14.94
C ASP A 253 -13.39 12.19 -14.82
N GLN A 254 -12.89 12.34 -13.57
CA GLN A 254 -11.52 12.85 -13.39
C GLN A 254 -10.51 11.93 -14.05
N LEU A 255 -10.60 10.63 -13.80
CA LEU A 255 -9.71 9.66 -14.47
C LEU A 255 -9.86 9.73 -15.97
N ASN A 256 -11.08 9.87 -16.46
CA ASN A 256 -11.31 9.90 -17.89
C ASN A 256 -10.69 11.15 -18.55
N HIS A 257 -10.77 12.29 -17.85
CA HIS A 257 -10.09 13.49 -18.29
C HIS A 257 -8.59 13.27 -18.49
N ILE A 258 -8.00 12.61 -17.48
CA ILE A 258 -6.55 12.38 -17.48
C ILE A 258 -6.17 11.52 -18.66
N LEU A 259 -6.94 10.43 -18.83
CA LEU A 259 -6.66 9.46 -19.88
C LEU A 259 -6.89 10.04 -21.28
N GLY A 260 -7.78 11.03 -21.36
CA GLY A 260 -8.03 11.73 -22.64
C GLY A 260 -6.82 12.50 -23.16
N ILE A 261 -5.94 12.93 -22.26
CA ILE A 261 -4.75 13.63 -22.65
C ILE A 261 -3.51 12.74 -22.65
N LEU A 262 -3.36 11.93 -21.62
CA LEU A 262 -2.21 11.05 -21.55
C LEU A 262 -2.28 9.87 -22.48
N GLY A 263 -3.49 9.52 -22.87
CA GLY A 263 -3.75 8.36 -23.74
C GLY A 263 -3.78 7.07 -22.95
N SER A 264 -3.93 5.96 -23.68
CA SER A 264 -3.99 4.62 -23.07
C SER A 264 -2.68 4.29 -22.37
N PRO A 265 -2.76 3.79 -21.15
CA PRO A 265 -1.54 3.31 -20.53
C PRO A 265 -0.86 2.22 -21.32
N SER A 266 0.46 2.25 -21.33
CA SER A 266 1.24 1.21 -21.94
C SER A 266 1.02 -0.11 -21.25
N GLN A 267 1.44 -1.19 -21.92
CA GLN A 267 1.40 -2.53 -21.29
C GLN A 267 2.22 -2.61 -20.01
N GLU A 268 3.40 -2.01 -19.98
CA GLU A 268 4.23 -2.03 -18.77
C GLU A 268 3.51 -1.32 -17.63
N ASP A 269 2.85 -0.21 -17.92
CA ASP A 269 2.14 0.53 -16.89
C ASP A 269 0.93 -0.24 -16.44
N LEU A 270 0.23 -0.90 -17.36
CA LEU A 270 -0.88 -1.77 -16.99
C LEU A 270 -0.43 -2.93 -16.11
N ASN A 271 0.76 -3.48 -16.39
CA ASN A 271 1.27 -4.59 -15.59
C ASN A 271 1.67 -4.22 -14.19
N CYS A 272 1.69 -2.93 -13.87
CA CYS A 272 1.93 -2.45 -12.51
C CYS A 272 0.57 -2.26 -11.74
N ILE A 273 -0.53 -2.61 -12.37
CA ILE A 273 -1.91 -2.47 -11.80
C ILE A 273 -2.52 -3.84 -11.77
N ILE A 274 -2.60 -4.43 -10.59
CA ILE A 274 -3.08 -5.80 -10.36
CA ILE A 274 -3.16 -5.81 -10.53
C ILE A 274 -4.59 -5.86 -9.97
N ASN A 275 -5.12 -4.72 -9.52
CA ASN A 275 -6.56 -4.62 -9.19
C ASN A 275 -7.37 -4.98 -10.43
N MET A 276 -8.16 -6.04 -10.30
CA MET A 276 -8.88 -6.61 -11.44
CA MET A 276 -8.90 -6.62 -11.41
C MET A 276 -9.87 -5.58 -11.99
N LYS A 277 -10.59 -4.91 -11.12
CA LYS A 277 -11.61 -3.95 -11.60
C LYS A 277 -10.96 -2.75 -12.30
N ALA A 278 -9.88 -2.26 -11.75
CA ALA A 278 -9.14 -1.19 -12.42
C ALA A 278 -8.62 -1.60 -13.76
N ARG A 279 -8.00 -2.78 -13.81
CA ARG A 279 -7.46 -3.29 -15.07
C ARG A 279 -8.51 -3.46 -16.10
N ASN A 280 -9.62 -4.12 -15.73
CA ASN A 280 -10.67 -4.38 -16.69
C ASN A 280 -11.29 -3.06 -17.16
N TYR A 281 -11.42 -2.09 -16.25
CA TYR A 281 -11.91 -0.77 -16.67
C TYR A 281 -10.96 -0.14 -17.70
N LEU A 282 -9.64 -0.10 -17.40
CA LEU A 282 -8.71 0.54 -18.32
C LEU A 282 -8.72 -0.16 -19.67
N GLN A 283 -8.77 -1.49 -19.64
CA GLN A 283 -8.72 -2.26 -20.89
C GLN A 283 -9.98 -2.19 -21.76
N SER A 284 -11.03 -1.61 -21.25
CA SER A 284 -12.30 -1.51 -21.99
C SER A 284 -12.34 -0.23 -22.80
N LEU A 285 -11.40 0.69 -22.52
CA LEU A 285 -11.51 2.05 -23.08
C LEU A 285 -10.92 2.07 -24.50
N PRO A 286 -11.29 3.11 -25.26
CA PRO A 286 -10.75 3.14 -26.64
C PRO A 286 -9.28 3.41 -26.67
N SER A 287 -8.57 2.77 -27.57
CA SER A 287 -7.15 2.98 -27.74
CA SER A 287 -7.14 3.00 -27.73
C SER A 287 -6.89 4.44 -28.16
N LYS A 288 -5.94 5.11 -27.49
CA LYS A 288 -5.65 6.53 -27.81
C LYS A 288 -4.22 6.81 -27.52
N THR A 289 -3.57 7.53 -28.44
CA THR A 289 -2.22 7.98 -28.28
C THR A 289 -2.17 9.31 -27.49
N LYS A 290 -1.17 9.40 -26.66
CA LYS A 290 -0.86 10.61 -25.88
CA LYS A 290 -0.85 10.60 -25.88
C LYS A 290 -0.99 11.85 -26.74
N VAL A 291 -1.68 12.87 -26.23
CA VAL A 291 -1.82 14.15 -26.94
C VAL A 291 -0.55 14.95 -26.69
N ALA A 292 0.06 15.48 -27.77
CA ALA A 292 1.34 16.16 -27.64
C ALA A 292 1.14 17.44 -26.82
N TRP A 293 2.01 17.67 -25.86
CA TRP A 293 1.87 18.88 -25.02
C TRP A 293 1.97 20.14 -25.86
N ALA A 294 2.87 20.16 -26.84
CA ALA A 294 2.93 21.31 -27.73
C ALA A 294 1.64 21.61 -28.49
N LYS A 295 0.80 20.61 -28.74
CA LYS A 295 -0.49 20.85 -29.38
C LYS A 295 -1.54 21.42 -28.41
N LEU A 296 -1.46 21.03 -27.15
CA LEU A 296 -2.32 21.56 -26.12
C LEU A 296 -1.93 22.96 -25.68
N PHE A 297 -0.62 23.25 -25.78
CA PHE A 297 -0.05 24.48 -25.25
C PHE A 297 0.86 25.09 -26.31
N PRO A 298 0.27 25.53 -27.41
CA PRO A 298 1.06 25.90 -28.56
C PRO A 298 1.87 27.17 -28.40
N LYS A 299 1.59 27.95 -27.38
CA LYS A 299 2.37 29.19 -27.20
C LYS A 299 3.30 29.14 -25.98
N SER A 300 3.48 27.97 -25.39
CA SER A 300 4.26 27.84 -24.15
C SER A 300 5.70 27.47 -24.46
N ASP A 301 6.60 27.80 -23.54
CA ASP A 301 8.00 27.52 -23.67
C ASP A 301 8.25 26.01 -23.71
N SER A 302 9.06 25.55 -24.65
CA SER A 302 9.39 24.12 -24.79
C SER A 302 9.97 23.47 -23.53
N LYS A 303 10.80 24.22 -22.81
CA LYS A 303 11.35 23.69 -21.55
C LYS A 303 10.29 23.53 -20.48
N ALA A 304 9.35 24.48 -20.40
CA ALA A 304 8.22 24.32 -19.47
C ALA A 304 7.45 23.05 -19.81
N LEU A 305 7.22 22.78 -21.10
CA LEU A 305 6.45 21.60 -21.49
C LEU A 305 7.16 20.31 -21.25
N ASP A 306 8.50 20.33 -21.35
CA ASP A 306 9.28 19.17 -21.04
C ASP A 306 9.14 18.85 -19.57
N LEU A 307 9.20 19.88 -18.71
CA LEU A 307 9.09 19.66 -17.30
C LEU A 307 7.65 19.20 -16.98
N LEU A 308 6.64 19.81 -17.60
CA LEU A 308 5.24 19.42 -17.44
C LEU A 308 5.11 17.93 -17.76
N ASP A 309 5.72 17.49 -18.88
CA ASP A 309 5.67 16.09 -19.30
C ASP A 309 6.18 15.12 -18.23
N ARG A 310 7.23 15.54 -17.56
CA ARG A 310 7.92 14.74 -16.53
C ARG A 310 7.14 14.69 -15.23
N MET A 311 6.32 15.72 -15.01
CA MET A 311 5.49 15.78 -13.78
C MET A 311 4.17 15.04 -13.94
N LEU A 312 3.65 15.02 -15.14
CA LEU A 312 2.35 14.43 -15.46
C LEU A 312 2.50 13.09 -16.13
N THR A 313 3.36 12.26 -15.58
CA THR A 313 3.44 10.83 -16.02
C THR A 313 2.32 10.00 -15.43
N PHE A 314 1.75 9.10 -16.22
CA PHE A 314 0.71 8.23 -15.71
C PHE A 314 1.22 7.35 -14.57
N ASN A 315 2.39 6.78 -14.76
CA ASN A 315 2.96 5.87 -13.75
C ASN A 315 3.68 6.69 -12.69
N PRO A 316 3.24 6.59 -11.43
CA PRO A 316 3.91 7.41 -10.39
C PRO A 316 5.35 7.05 -10.19
N ASN A 317 5.76 5.82 -10.51
CA ASN A 317 7.17 5.44 -10.30
C ASN A 317 8.08 6.17 -11.27
N LYS A 318 7.55 6.57 -12.41
CA LYS A 318 8.30 7.25 -13.47
C LYS A 318 8.26 8.76 -13.37
N ARG A 319 7.56 9.25 -12.38
CA ARG A 319 7.32 10.69 -12.25
C ARG A 319 8.53 11.37 -11.63
N ILE A 320 8.84 12.59 -12.06
CA ILE A 320 10.01 13.31 -11.59
C ILE A 320 9.91 13.58 -10.09
N THR A 321 11.03 13.60 -9.41
CA THR A 321 11.07 14.00 -7.99
C THR A 321 11.25 15.51 -7.86
N VAL A 322 11.00 16.06 -6.66
CA VAL A 322 11.17 17.47 -6.45
C VAL A 322 12.58 17.98 -6.72
N GLU A 323 13.60 17.24 -6.31
CA GLU A 323 14.98 17.68 -6.52
C GLU A 323 15.29 17.68 -8.00
N GLU A 324 14.81 16.68 -8.71
CA GLU A 324 15.06 16.61 -10.16
C GLU A 324 14.37 17.78 -10.86
N ALA A 325 13.17 18.11 -10.40
CA ALA A 325 12.39 19.15 -11.03
C ALA A 325 13.10 20.48 -10.81
N LEU A 326 13.61 20.71 -9.59
CA LEU A 326 14.39 21.94 -9.36
C LEU A 326 15.59 22.11 -10.29
N ALA A 327 16.20 20.99 -10.62
CA ALA A 327 17.35 21.00 -11.48
C ALA A 327 17.02 21.05 -12.97
N HIS A 328 15.76 21.06 -13.33
CA HIS A 328 15.39 21.02 -14.73
C HIS A 328 15.79 22.33 -15.42
N PRO A 329 16.20 22.29 -16.70
CA PRO A 329 16.60 23.51 -17.41
C PRO A 329 15.61 24.67 -17.36
N TYR A 330 14.30 24.40 -17.33
CA TYR A 330 13.36 25.50 -17.25
C TYR A 330 13.66 26.44 -16.11
N LEU A 331 14.08 25.91 -14.96
CA LEU A 331 14.27 26.68 -13.75
C LEU A 331 15.68 27.25 -13.52
N GLU A 332 16.50 27.25 -14.57
CA GLU A 332 17.92 27.53 -14.40
C GLU A 332 18.26 28.90 -13.87
N GLN A 333 17.44 29.92 -14.10
CA GLN A 333 17.76 31.23 -13.55
C GLN A 333 17.74 31.22 -12.03
N TYR A 334 16.88 30.36 -11.45
CA TYR A 334 16.62 30.42 -10.01
C TYR A 334 17.29 29.28 -9.24
N TYR A 335 17.60 28.18 -9.93
CA TYR A 335 18.08 26.99 -9.26
C TYR A 335 19.39 27.27 -8.50
N ASP A 336 19.40 26.91 -7.23
CA ASP A 336 20.55 27.18 -6.37
C ASP A 336 20.43 26.24 -5.17
N PRO A 337 21.02 25.04 -5.30
CA PRO A 337 20.82 24.06 -4.24
C PRO A 337 21.48 24.47 -2.89
N THR A 338 22.34 25.47 -2.89
CA THR A 338 22.83 26.08 -1.63
C THR A 338 21.85 26.99 -0.93
N ASP A 339 20.71 27.24 -1.59
CA ASP A 339 19.71 28.17 -1.11
C ASP A 339 18.34 27.54 -1.19
N GLU A 340 18.31 26.23 -1.05
CA GLU A 340 17.02 25.46 -1.12
C GLU A 340 17.03 24.51 0.11
N PRO A 341 16.74 25.06 1.29
CA PRO A 341 16.95 24.28 2.53
C PRO A 341 15.99 23.14 2.74
N VAL A 342 16.43 22.22 3.56
CA VAL A 342 15.69 21.05 3.98
C VAL A 342 15.37 21.11 5.47
N ALA A 343 14.45 20.25 5.89
CA ALA A 343 14.00 20.18 7.28
C ALA A 343 15.04 19.55 8.16
N GLU A 344 14.94 19.89 9.44
CA GLU A 344 15.82 19.32 10.51
C GLU A 344 15.73 17.79 10.56
N GLU A 345 14.52 17.26 10.45
CA GLU A 345 14.26 15.86 10.71
C GLU A 345 12.90 15.45 10.11
N PRO A 346 12.78 14.15 9.71
CA PRO A 346 11.45 13.79 9.30
C PRO A 346 10.46 13.71 10.44
N PHE A 347 9.20 13.72 10.10
CA PHE A 347 8.09 13.62 11.04
C PHE A 347 7.44 12.23 10.99
N THR A 348 6.74 11.87 12.04
CA THR A 348 5.92 10.67 12.08
C THR A 348 4.55 11.00 12.60
N PHE A 349 3.54 10.42 11.95
CA PHE A 349 2.14 10.47 12.39
C PHE A 349 1.62 9.05 12.20
N ALA A 350 1.30 8.38 13.27
CA ALA A 350 0.80 7.00 13.19
C ALA A 350 -0.65 6.97 12.74
N MET A 351 -1.03 5.91 12.00
CA MET A 351 -2.42 5.78 11.55
CA MET A 351 -2.41 5.66 11.57
C MET A 351 -3.39 5.77 12.74
N GLU A 352 -2.93 5.27 13.89
CA GLU A 352 -3.81 5.18 15.06
C GLU A 352 -4.26 6.57 15.60
N LEU A 353 -3.55 7.63 15.23
CA LEU A 353 -4.06 8.99 15.48
C LEU A 353 -5.41 9.20 14.86
N ASP A 354 -5.64 8.57 13.69
CA ASP A 354 -6.87 8.74 12.94
C ASP A 354 -8.05 8.08 13.61
N ASP A 355 -7.81 7.26 14.62
CA ASP A 355 -8.90 6.59 15.29
C ASP A 355 -9.13 7.17 16.67
N LEU A 356 -8.35 8.18 17.07
CA LEU A 356 -8.54 8.77 18.41
C LEU A 356 -9.90 9.44 18.49
N PRO A 357 -10.59 9.28 19.62
CA PRO A 357 -11.81 10.05 19.76
C PRO A 357 -11.58 11.55 19.68
N LYS A 358 -12.61 12.29 19.31
CA LYS A 358 -12.41 13.70 19.10
C LYS A 358 -11.97 14.42 20.40
N GLU A 359 -12.37 13.96 21.59
CA GLU A 359 -11.95 14.68 22.79
CA GLU A 359 -11.94 14.60 22.86
C GLU A 359 -10.45 14.48 23.04
N ARG A 360 -9.89 13.36 22.60
CA ARG A 360 -8.46 13.17 22.71
C ARG A 360 -7.71 14.06 21.73
N LEU A 361 -8.28 14.22 20.55
CA LEU A 361 -7.70 15.15 19.60
C LEU A 361 -7.78 16.58 20.11
N LYS A 362 -8.90 16.91 20.74
CA LYS A 362 -9.05 18.23 21.36
C LYS A 362 -7.99 18.50 22.43
N GLU A 363 -7.71 17.51 23.26
CA GLU A 363 -6.66 17.63 24.24
CA GLU A 363 -6.66 17.62 24.25
C GLU A 363 -5.30 17.90 23.59
N LEU A 364 -5.00 17.19 22.49
CA LEU A 364 -3.75 17.45 21.75
C LEU A 364 -3.69 18.85 21.17
N ILE A 365 -4.80 19.34 20.65
CA ILE A 365 -4.85 20.70 20.11
C ILE A 365 -4.64 21.69 21.29
N PHE A 366 -5.27 21.44 22.44
CA PHE A 366 -5.06 22.24 23.64
C PHE A 366 -3.55 22.26 24.04
N GLN A 367 -2.88 21.10 24.05
CA GLN A 367 -1.46 21.02 24.39
C GLN A 367 -0.60 21.78 23.38
N GLU A 368 -0.83 21.54 22.10
CA GLU A 368 0.02 22.17 21.06
C GLU A 368 -0.10 23.67 21.05
N THR A 369 -1.26 24.18 21.43
CA THR A 369 -1.50 25.62 21.45
C THR A 369 -1.09 26.26 22.77
N ALA A 370 -0.74 25.47 23.79
CA ALA A 370 -0.48 26.00 25.10
C ALA A 370 0.66 27.02 25.13
N ARG A 371 1.66 26.86 24.29
CA ARG A 371 2.81 27.72 24.46
CA ARG A 371 2.85 27.70 24.35
C ARG A 371 2.59 29.15 23.95
N PHE A 372 1.44 29.39 23.30
CA PHE A 372 0.99 30.74 22.95
C PHE A 372 0.08 31.39 24.00
N GLN A 373 -0.25 30.66 25.08
CA GLN A 373 -1.00 31.21 26.18
C GLN A 373 -0.10 32.05 27.09
N PRO A 374 -0.69 32.96 27.84
CA PRO A 374 -2.10 33.32 27.82
C PRO A 374 -2.30 34.37 26.74
N GLY A 375 -3.52 34.87 26.57
CA GLY A 375 -3.75 35.99 25.64
C GLY A 375 -3.63 37.36 26.30
N GLU B 28 30.91 -0.83 5.03
CA GLU B 28 31.23 -2.29 4.82
C GLU B 28 29.98 -3.12 4.48
N VAL B 29 30.24 -4.28 3.86
CA VAL B 29 29.20 -5.22 3.46
C VAL B 29 29.29 -6.42 4.38
N GLU B 30 28.20 -6.76 5.05
CA GLU B 30 28.18 -7.89 5.95
C GLU B 30 27.98 -9.18 5.18
N MET B 31 28.77 -10.17 5.50
CA MET B 31 28.71 -11.45 4.90
C MET B 31 27.88 -12.39 5.77
N VAL B 32 26.94 -13.07 5.15
CA VAL B 32 26.08 -14.00 5.84
C VAL B 32 26.17 -15.34 5.12
N LYS B 33 26.84 -16.30 5.74
CA LYS B 33 27.05 -17.62 5.14
C LYS B 33 27.46 -17.54 3.67
N GLY B 34 28.50 -16.73 3.37
CA GLY B 34 29.05 -16.64 2.02
C GLY B 34 28.32 -15.71 1.07
N GLN B 35 27.24 -15.06 1.52
CA GLN B 35 26.50 -14.10 0.72
C GLN B 35 26.73 -12.71 1.20
N PRO B 36 27.16 -11.82 0.32
CA PRO B 36 27.21 -10.45 0.74
C PRO B 36 25.80 -9.85 0.91
N PHE B 37 25.54 -9.21 2.01
CA PHE B 37 24.26 -8.54 2.20
C PHE B 37 24.43 -7.04 2.30
N ASP B 38 24.21 -6.33 1.19
CA ASP B 38 24.52 -4.91 1.10
C ASP B 38 23.31 -4.08 1.42
N VAL B 39 23.04 -3.97 2.71
CA VAL B 39 21.82 -3.33 3.20
C VAL B 39 22.06 -2.21 4.20
N GLY B 40 23.33 -1.88 4.42
CA GLY B 40 23.66 -0.77 5.28
C GLY B 40 23.52 0.56 4.55
N PRO B 41 23.50 1.66 5.30
CA PRO B 41 23.69 1.74 6.70
C PRO B 41 22.43 1.56 7.54
N ARG B 42 21.23 1.52 6.92
CA ARG B 42 20.01 1.42 7.74
C ARG B 42 19.94 0.07 8.51
N TYR B 43 20.37 -1.03 7.89
CA TYR B 43 20.24 -2.34 8.49
C TYR B 43 21.62 -2.92 8.68
N THR B 44 21.88 -3.36 9.89
CA THR B 44 23.19 -3.91 10.27
C THR B 44 23.05 -5.06 11.29
N GLN B 45 24.18 -5.68 11.66
CA GLN B 45 24.21 -6.76 12.62
C GLN B 45 23.33 -7.91 12.12
N LEU B 46 23.65 -8.35 10.93
CA LEU B 46 22.90 -9.41 10.31
CA LEU B 46 22.95 -9.45 10.26
C LEU B 46 23.24 -10.77 10.94
N GLN B 47 22.22 -11.61 11.06
CA GLN B 47 22.39 -12.99 11.49
C GLN B 47 21.62 -13.90 10.55
N TYR B 48 22.25 -14.98 10.15
CA TYR B 48 21.59 -15.98 9.31
C TYR B 48 20.38 -16.62 9.98
N ILE B 49 19.34 -16.79 9.22
CA ILE B 49 18.21 -17.59 9.62
C ILE B 49 18.11 -18.88 8.79
N GLY B 50 18.09 -18.81 7.47
CA GLY B 50 17.98 -19.99 6.67
C GLY B 50 18.14 -19.68 5.20
N GLU B 51 18.00 -20.70 4.35
CA GLU B 51 18.14 -20.51 2.92
C GLU B 51 17.38 -21.61 2.18
N GLY B 52 17.12 -21.37 0.92
CA GLY B 52 16.38 -22.27 0.10
C GLY B 52 16.61 -21.86 -1.36
N ALA B 53 15.88 -22.48 -2.26
CA ALA B 53 16.04 -22.18 -3.68
C ALA B 53 15.89 -20.65 -3.93
N TYR B 54 14.99 -20.02 -3.18
CA TYR B 54 14.69 -18.58 -3.32
C TYR B 54 15.87 -17.67 -3.08
N GLY B 55 16.85 -18.09 -2.28
CA GLY B 55 17.83 -17.20 -1.74
C GLY B 55 18.09 -17.45 -0.28
N MET B 56 18.29 -16.40 0.52
CA MET B 56 18.71 -16.51 1.92
C MET B 56 17.97 -15.54 2.76
N VAL B 57 17.57 -15.95 3.95
CA VAL B 57 16.94 -15.05 4.93
CA VAL B 57 16.98 -15.02 4.91
C VAL B 57 17.86 -14.84 6.15
N SER B 58 17.89 -13.59 6.58
CA SER B 58 18.68 -13.08 7.71
CA SER B 58 18.62 -13.19 7.78
C SER B 58 17.73 -12.32 8.62
N SER B 59 18.15 -12.13 9.86
CA SER B 59 17.63 -10.99 10.65
C SER B 59 18.67 -9.88 10.65
N ALA B 60 18.20 -8.66 10.93
CA ALA B 60 19.06 -7.50 10.98
C ALA B 60 18.47 -6.47 11.92
N TYR B 61 19.31 -5.55 12.38
CA TYR B 61 18.78 -4.43 13.14
C TYR B 61 18.50 -3.26 12.24
N ASP B 62 17.31 -2.70 12.36
CA ASP B 62 16.84 -1.52 11.64
C ASP B 62 17.12 -0.32 12.54
N HIS B 63 18.07 0.50 12.11
CA HIS B 63 18.48 1.67 12.91
C HIS B 63 17.47 2.78 12.90
N VAL B 64 16.55 2.76 11.96
CA VAL B 64 15.48 3.74 11.90
C VAL B 64 14.39 3.37 12.91
N ARG B 65 13.77 2.20 12.76
CA ARG B 65 12.72 1.78 13.68
C ARG B 65 13.23 1.14 14.98
N LYS B 66 14.55 0.94 15.12
CA LYS B 66 15.16 0.47 16.37
C LYS B 66 14.61 -0.91 16.81
N THR B 67 14.59 -1.85 15.88
CA THR B 67 14.09 -3.16 16.12
C THR B 67 14.72 -4.13 15.15
N ARG B 68 14.74 -5.42 15.48
CA ARG B 68 15.22 -6.39 14.53
C ARG B 68 14.11 -6.81 13.58
N VAL B 69 14.50 -7.07 12.31
CA VAL B 69 13.62 -7.41 11.19
C VAL B 69 14.20 -8.62 10.48
N ALA B 70 13.37 -9.20 9.61
CA ALA B 70 13.85 -10.18 8.64
C ALA B 70 14.22 -9.48 7.36
N ILE B 71 15.33 -9.90 6.75
CA ILE B 71 15.74 -9.46 5.42
C ILE B 71 16.11 -10.67 4.61
N LYS B 72 15.46 -10.83 3.44
CA LYS B 72 15.80 -11.90 2.51
C LYS B 72 16.41 -11.31 1.25
N LYS B 73 17.47 -11.96 0.81
CA LYS B 73 18.19 -11.59 -0.42
C LYS B 73 17.79 -12.55 -1.54
N ILE B 74 17.21 -11.99 -2.59
CA ILE B 74 16.78 -12.72 -3.77
C ILE B 74 17.62 -12.25 -4.93
N SER B 75 18.14 -13.18 -5.73
CA SER B 75 18.99 -12.84 -6.86
C SER B 75 18.56 -13.61 -8.08
N PRO B 76 17.47 -13.19 -8.71
CA PRO B 76 16.82 -14.02 -9.67
C PRO B 76 17.06 -13.72 -11.16
N PHE B 77 17.86 -12.68 -11.44
CA PHE B 77 17.79 -12.05 -12.79
C PHE B 77 18.35 -12.83 -13.93
N GLU B 78 19.02 -13.93 -13.66
CA GLU B 78 19.51 -14.76 -14.78
C GLU B 78 18.49 -15.65 -15.40
N HIS B 79 17.31 -15.79 -14.81
CA HIS B 79 16.35 -16.76 -15.34
CA HIS B 79 16.33 -16.73 -15.37
C HIS B 79 14.90 -16.24 -15.24
N GLN B 80 14.15 -16.47 -16.31
CA GLN B 80 12.75 -16.04 -16.38
CA GLN B 80 12.78 -16.01 -16.38
C GLN B 80 11.91 -16.56 -15.24
N THR B 81 12.03 -17.86 -14.95
CA THR B 81 11.18 -18.40 -13.93
CA THR B 81 11.23 -18.47 -13.90
C THR B 81 11.47 -17.79 -12.55
N TYR B 82 12.73 -17.51 -12.26
CA TYR B 82 13.08 -16.92 -10.95
C TYR B 82 12.50 -15.53 -10.88
N CYS B 83 12.65 -14.78 -11.95
CA CYS B 83 11.99 -13.46 -12.07
C CYS B 83 10.50 -13.51 -11.94
N GLN B 84 9.83 -14.55 -12.51
CA GLN B 84 8.40 -14.63 -12.35
C GLN B 84 8.03 -14.75 -10.87
N ARG B 85 8.71 -15.63 -10.16
CA ARG B 85 8.43 -15.84 -8.74
C ARG B 85 8.68 -14.63 -7.91
N THR B 86 9.72 -13.86 -8.28
CA THR B 86 10.10 -12.69 -7.50
C THR B 86 9.06 -11.59 -7.71
N LEU B 87 8.70 -11.35 -8.97
CA LEU B 87 7.69 -10.33 -9.21
C LEU B 87 6.38 -10.74 -8.59
N ARG B 88 6.02 -12.03 -8.59
CA ARG B 88 4.72 -12.45 -8.05
C ARG B 88 4.66 -12.18 -6.52
N GLU B 89 5.73 -12.56 -5.86
CA GLU B 89 5.87 -12.38 -4.42
C GLU B 89 5.65 -10.91 -4.05
N ILE B 90 6.40 -10.05 -4.75
CA ILE B 90 6.37 -8.63 -4.47
C ILE B 90 5.00 -8.06 -4.78
N GLN B 91 4.46 -8.34 -5.97
CA GLN B 91 3.21 -7.71 -6.38
C GLN B 91 2.08 -8.06 -5.45
N ILE B 92 1.99 -9.33 -5.03
CA ILE B 92 0.96 -9.74 -4.10
C ILE B 92 1.15 -9.14 -2.72
N LEU B 93 2.35 -9.27 -2.17
CA LEU B 93 2.55 -8.88 -0.75
C LEU B 93 2.50 -7.39 -0.53
N LEU B 94 2.90 -6.62 -1.51
CA LEU B 94 2.70 -5.13 -1.43
C LEU B 94 1.25 -4.72 -1.39
N ARG B 95 0.34 -5.58 -1.86
N ARG B 95 0.35 -5.54 -1.86
CA ARG B 95 -1.10 -5.26 -2.04
CA ARG B 95 -1.01 -5.13 -1.91
C ARG B 95 -2.00 -6.06 -1.08
C ARG B 95 -1.77 -5.68 -0.69
N PHE B 96 -1.35 -6.84 -0.22
N PHE B 96 -1.50 -6.93 -0.35
CA PHE B 96 -2.07 -7.55 0.84
CA PHE B 96 -2.17 -7.58 0.79
C PHE B 96 -1.75 -6.90 2.19
C PHE B 96 -1.80 -6.88 2.13
N ARG B 97 -2.74 -6.87 3.06
CA ARG B 97 -2.50 -6.45 4.42
C ARG B 97 -3.49 -7.16 5.29
N HIS B 98 -2.99 -8.13 6.05
CA HIS B 98 -3.82 -8.96 6.89
C HIS B 98 -2.97 -9.56 7.99
N GLU B 99 -3.54 -9.69 9.18
CA GLU B 99 -2.83 -10.19 10.35
C GLU B 99 -2.20 -11.55 10.21
N ASN B 100 -2.79 -12.39 9.37
CA ASN B 100 -2.28 -13.74 9.18
C ASN B 100 -1.54 -13.98 7.84
N VAL B 101 -1.04 -12.89 7.25
CA VAL B 101 -0.25 -12.92 6.04
C VAL B 101 0.96 -12.00 6.26
N ILE B 102 2.16 -12.51 5.97
CA ILE B 102 3.35 -11.71 6.15
C ILE B 102 3.29 -10.49 5.19
N GLY B 103 3.70 -9.33 5.71
CA GLY B 103 3.78 -8.13 4.94
C GLY B 103 5.16 -7.84 4.38
N ILE B 104 5.27 -6.75 3.63
CA ILE B 104 6.57 -6.20 3.23
C ILE B 104 6.73 -4.82 3.86
N ARG B 105 7.81 -4.64 4.62
CA ARG B 105 8.08 -3.36 5.30
CA ARG B 105 8.11 -3.37 5.30
C ARG B 105 8.93 -2.42 4.43
N ASP B 106 9.82 -2.97 3.61
CA ASP B 106 10.82 -2.18 2.85
C ASP B 106 11.39 -3.12 1.80
N ILE B 107 11.91 -2.53 0.73
CA ILE B 107 12.69 -3.25 -0.27
C ILE B 107 13.91 -2.43 -0.63
N LEU B 108 15.08 -3.08 -0.69
CA LEU B 108 16.30 -2.40 -1.09
C LEU B 108 16.79 -3.01 -2.36
N ARG B 109 17.24 -2.16 -3.28
CA ARG B 109 17.87 -2.58 -4.51
C ARG B 109 18.62 -1.36 -5.10
N ALA B 110 19.47 -1.67 -6.07
CA ALA B 110 20.37 -0.68 -6.64
C ALA B 110 19.63 0.46 -7.30
N SER B 111 20.32 1.60 -7.44
CA SER B 111 19.70 2.84 -7.95
C SER B 111 19.47 2.80 -9.44
N THR B 112 20.14 1.90 -10.13
CA THR B 112 20.01 1.71 -11.57
C THR B 112 19.66 0.29 -11.93
N LEU B 113 18.92 0.14 -13.01
CA LEU B 113 18.57 -1.16 -13.56
C LEU B 113 19.77 -2.09 -13.79
N GLU B 114 20.82 -1.56 -14.44
CA GLU B 114 21.93 -2.42 -14.78
C GLU B 114 22.69 -2.90 -13.53
N ALA B 115 22.71 -2.09 -12.51
CA ALA B 115 23.41 -2.41 -11.28
C ALA B 115 22.63 -3.45 -10.48
N MET B 116 21.32 -3.51 -10.68
CA MET B 116 20.46 -4.34 -9.84
C MET B 116 20.70 -5.82 -10.10
N ARG B 117 21.26 -6.50 -9.11
CA ARG B 117 21.42 -7.95 -9.16
C ARG B 117 20.65 -8.66 -8.05
N ASP B 118 20.20 -7.91 -7.07
CA ASP B 118 19.67 -8.47 -5.82
C ASP B 118 18.47 -7.63 -5.41
N VAL B 119 17.45 -8.25 -4.81
CA VAL B 119 16.39 -7.51 -4.18
C VAL B 119 16.36 -7.97 -2.74
N TYR B 120 16.39 -7.05 -1.83
CA TYR B 120 16.40 -7.33 -0.38
C TYR B 120 15.04 -6.93 0.09
N ILE B 121 14.28 -7.93 0.57
CA ILE B 121 12.90 -7.73 1.00
C ILE B 121 12.88 -7.83 2.52
N VAL B 122 12.42 -6.74 3.14
CA VAL B 122 12.40 -6.58 4.61
C VAL B 122 11.00 -6.88 5.13
N GLN B 123 10.93 -7.72 6.17
CA GLN B 123 9.64 -8.21 6.65
C GLN B 123 9.73 -8.31 8.16
N ASP B 124 8.56 -8.38 8.79
CA ASP B 124 8.49 -8.54 10.25
C ASP B 124 9.22 -9.77 10.67
N LEU B 125 10.01 -9.68 11.74
CA LEU B 125 10.75 -10.86 12.28
C LEU B 125 9.84 -11.69 13.16
N MET B 126 9.78 -12.98 12.86
CA MET B 126 8.98 -13.95 13.63
C MET B 126 9.95 -14.85 14.37
N GLU B 127 9.42 -15.68 15.26
CA GLU B 127 10.21 -16.51 16.14
C GLU B 127 10.62 -17.80 15.52
N THR B 128 9.71 -18.40 14.77
CA THR B 128 9.91 -19.73 14.23
C THR B 128 8.94 -19.98 13.06
N ASP B 129 8.93 -21.21 12.58
CA ASP B 129 7.87 -21.60 11.63
C ASP B 129 7.33 -22.95 12.07
N LEU B 130 6.26 -23.40 11.43
CA LEU B 130 5.60 -24.59 11.92
C LEU B 130 6.41 -25.83 11.74
N TYR B 131 7.23 -25.88 10.69
CA TYR B 131 8.10 -27.00 10.49
C TYR B 131 9.02 -27.15 11.70
N LYS B 132 9.69 -26.08 12.06
CA LYS B 132 10.60 -26.10 13.22
CA LYS B 132 10.58 -26.11 13.22
C LYS B 132 9.84 -26.40 14.53
N LEU B 133 8.65 -25.84 14.67
CA LEU B 133 7.88 -26.04 15.89
C LEU B 133 7.51 -27.50 16.04
N LEU B 134 7.10 -28.16 14.95
CA LEU B 134 6.73 -29.56 15.03
C LEU B 134 7.91 -30.48 15.21
N LYS B 135 9.13 -30.03 14.89
CA LYS B 135 10.31 -30.86 15.23
C LYS B 135 10.60 -30.74 16.72
N SER B 136 10.19 -29.62 17.31
CA SER B 136 10.51 -29.33 18.70
CA SER B 136 10.53 -29.34 18.71
C SER B 136 9.51 -29.91 19.70
N GLN B 137 8.25 -29.98 19.32
CA GLN B 137 7.22 -30.37 20.27
C GLN B 137 5.98 -30.92 19.69
N GLN B 138 5.30 -31.71 20.50
CA GLN B 138 3.96 -32.14 20.20
C GLN B 138 3.06 -30.99 20.61
N LEU B 139 2.17 -30.58 19.73
CA LEU B 139 1.21 -29.52 20.03
C LEU B 139 0.02 -30.05 20.81
N SER B 140 -0.50 -29.22 21.71
CA SER B 140 -1.76 -29.48 22.33
C SER B 140 -2.90 -29.24 21.36
N ASN B 141 -4.04 -29.86 21.63
CA ASN B 141 -5.20 -29.56 20.89
C ASN B 141 -5.52 -28.07 20.84
N ASP B 142 -5.29 -27.35 21.95
CA ASP B 142 -5.50 -25.90 21.95
C ASP B 142 -4.65 -25.23 20.85
N HIS B 143 -3.40 -25.62 20.76
CA HIS B 143 -2.52 -24.98 19.78
C HIS B 143 -2.93 -25.33 18.37
N ILE B 144 -3.22 -26.60 18.13
CA ILE B 144 -3.64 -27.05 16.80
C ILE B 144 -4.89 -26.27 16.36
N CYS B 145 -5.86 -26.16 17.23
CA CYS B 145 -7.11 -25.51 16.86
C CYS B 145 -6.82 -24.04 16.54
N TYR B 146 -6.08 -23.34 17.38
CA TYR B 146 -5.78 -21.92 17.12
C TYR B 146 -4.94 -21.69 15.88
N PHE B 147 -3.94 -22.51 15.70
CA PHE B 147 -3.15 -22.40 14.46
C PHE B 147 -3.99 -22.68 13.23
N LEU B 148 -4.83 -23.68 13.25
CA LEU B 148 -5.69 -23.98 12.12
C LEU B 148 -6.62 -22.83 11.81
N TYR B 149 -7.17 -22.25 12.85
CA TYR B 149 -8.03 -21.08 12.67
C TYR B 149 -7.32 -19.96 11.97
N GLN B 150 -6.12 -19.68 12.40
CA GLN B 150 -5.36 -18.61 11.80
C GLN B 150 -4.98 -18.88 10.34
N ILE B 151 -4.58 -20.12 10.06
CA ILE B 151 -4.30 -20.49 8.69
C ILE B 151 -5.51 -20.20 7.82
N LEU B 152 -6.68 -20.66 8.26
CA LEU B 152 -7.87 -20.49 7.48
C LEU B 152 -8.34 -19.04 7.44
N ARG B 153 -8.14 -18.27 8.51
CA ARG B 153 -8.52 -16.85 8.51
C ARG B 153 -7.66 -16.12 7.44
N GLY B 154 -6.37 -16.40 7.41
CA GLY B 154 -5.50 -15.83 6.35
C GLY B 154 -5.89 -16.32 4.97
N LEU B 155 -6.15 -17.64 4.84
CA LEU B 155 -6.55 -18.16 3.54
C LEU B 155 -7.88 -17.59 3.07
N LYS B 156 -8.80 -17.28 4.00
CA LYS B 156 -10.09 -16.65 3.60
C LYS B 156 -9.76 -15.30 2.92
N TYR B 157 -8.86 -14.53 3.51
CA TYR B 157 -8.47 -13.23 2.94
C TYR B 157 -7.84 -13.42 1.55
N ILE B 158 -6.89 -14.33 1.49
CA ILE B 158 -6.20 -14.60 0.21
C ILE B 158 -7.16 -15.04 -0.89
N HIS B 159 -7.97 -16.05 -0.59
CA HIS B 159 -8.95 -16.52 -1.55
C HIS B 159 -10.00 -15.45 -1.89
N SER B 160 -10.29 -14.51 -0.97
CA SER B 160 -11.25 -13.47 -1.29
C SER B 160 -10.75 -12.53 -2.41
N ALA B 161 -9.45 -12.47 -2.61
CA ALA B 161 -8.87 -11.72 -3.71
C ALA B 161 -8.74 -12.57 -4.98
N ASN B 162 -9.31 -13.78 -4.93
CA ASN B 162 -9.17 -14.83 -5.94
CA ASN B 162 -9.15 -14.82 -5.94
C ASN B 162 -7.73 -15.28 -6.16
N VAL B 163 -6.91 -15.08 -5.14
CA VAL B 163 -5.55 -15.52 -5.14
C VAL B 163 -5.45 -16.96 -4.54
N LEU B 164 -4.65 -17.79 -5.20
CA LEU B 164 -4.32 -19.13 -4.76
C LEU B 164 -2.89 -19.10 -4.29
N HIS B 165 -2.63 -19.64 -3.11
CA HIS B 165 -1.26 -19.69 -2.61
C HIS B 165 -0.36 -20.72 -3.32
N ARG B 166 -0.86 -21.94 -3.33
CA ARG B 166 -0.31 -23.04 -4.13
C ARG B 166 0.94 -23.70 -3.57
N ASP B 167 1.37 -23.33 -2.39
CA ASP B 167 2.52 -24.05 -1.80
C ASP B 167 2.43 -23.98 -0.28
N LEU B 168 1.23 -24.16 0.26
CA LEU B 168 1.06 -24.17 1.72
C LEU B 168 1.73 -25.45 2.30
N LYS B 169 2.54 -25.23 3.35
CA LYS B 169 3.25 -26.30 4.03
C LYS B 169 3.79 -25.68 5.34
N PRO B 170 4.16 -26.55 6.30
CA PRO B 170 4.62 -26.02 7.60
C PRO B 170 5.68 -24.94 7.55
N SER B 171 6.69 -25.08 6.71
CA SER B 171 7.77 -24.11 6.69
C SER B 171 7.30 -22.76 6.12
N ASN B 172 6.12 -22.71 5.50
CA ASN B 172 5.56 -21.41 5.04
C ASN B 172 4.56 -20.78 6.00
N LEU B 173 4.52 -21.28 7.22
CA LEU B 173 3.68 -20.73 8.26
C LEU B 173 4.58 -20.26 9.41
N LEU B 174 4.69 -18.93 9.50
CA LEU B 174 5.60 -18.27 10.46
C LEU B 174 4.84 -18.07 11.75
N ILE B 175 5.52 -18.25 12.88
CA ILE B 175 4.88 -18.18 14.17
C ILE B 175 5.71 -17.33 15.13
N ASN B 176 5.05 -16.49 15.89
CA ASN B 176 5.83 -15.67 16.84
C ASN B 176 5.60 -16.16 18.26
N THR B 177 6.24 -15.47 19.20
CA THR B 177 6.23 -15.92 20.60
C THR B 177 4.84 -15.91 21.23
N THR B 178 3.92 -15.11 20.68
CA THR B 178 2.55 -15.03 21.18
C THR B 178 1.57 -15.93 20.39
N CYS B 179 2.14 -16.82 19.59
CA CYS B 179 1.39 -17.83 18.80
C CYS B 179 0.60 -17.21 17.63
N ASP B 180 0.93 -15.97 17.28
CA ASP B 180 0.41 -15.38 16.06
C ASP B 180 1.05 -16.14 14.91
N LEU B 181 0.27 -16.41 13.90
CA LEU B 181 0.72 -17.17 12.74
C LEU B 181 0.49 -16.33 11.48
N LYS B 182 1.48 -16.33 10.59
CA LYS B 182 1.40 -15.63 9.31
C LYS B 182 1.86 -16.51 8.15
N ILE B 183 1.05 -16.54 7.12
CA ILE B 183 1.36 -17.27 5.89
C ILE B 183 2.43 -16.49 5.10
N CYS B 184 3.40 -17.22 4.57
CA CYS B 184 4.41 -16.62 3.69
C CYS B 184 4.61 -17.42 2.41
N ASP B 185 5.35 -16.83 1.49
CA ASP B 185 5.80 -17.43 0.23
C ASP B 185 4.73 -17.53 -0.84
N PHE B 186 4.61 -16.44 -1.59
CA PHE B 186 3.62 -16.35 -2.67
C PHE B 186 4.26 -16.48 -4.03
N GLY B 187 5.48 -17.09 -4.07
CA GLY B 187 6.19 -17.23 -5.35
C GLY B 187 5.41 -18.02 -6.39
N LEU B 188 4.61 -19.02 -5.97
CA LEU B 188 3.83 -19.85 -6.92
C LEU B 188 2.39 -19.43 -6.95
N ALA B 189 2.05 -18.30 -6.37
CA ALA B 189 0.65 -17.90 -6.30
C ALA B 189 0.15 -17.52 -7.66
N ARG B 190 -1.14 -17.73 -7.89
CA ARG B 190 -1.77 -17.42 -9.17
CA ARG B 190 -1.77 -17.38 -9.15
C ARG B 190 -3.22 -17.00 -8.86
N ILE B 191 -3.94 -16.55 -9.88
CA ILE B 191 -5.36 -16.26 -9.76
C ILE B 191 -6.15 -17.51 -10.12
N ALA B 192 -7.23 -17.76 -9.39
CA ALA B 192 -8.13 -18.84 -9.73
C ALA B 192 -8.55 -18.68 -11.18
N ASP B 193 -8.44 -19.77 -11.91
CA ASP B 193 -8.67 -19.75 -13.37
C ASP B 193 -9.30 -21.09 -13.78
N PRO B 194 -10.61 -21.23 -13.44
CA PRO B 194 -11.34 -22.47 -13.67
C PRO B 194 -11.38 -22.79 -15.15
N GLU B 195 -11.38 -21.77 -16.01
CA GLU B 195 -11.38 -22.03 -17.44
CA GLU B 195 -11.36 -22.02 -17.44
C GLU B 195 -10.25 -22.91 -17.87
N HIS B 196 -9.07 -22.68 -17.28
CA HIS B 196 -7.80 -23.29 -17.74
C HIS B 196 -7.15 -24.29 -16.79
N ASP B 197 -7.93 -24.93 -15.96
CA ASP B 197 -7.36 -25.87 -14.94
C ASP B 197 -6.90 -27.18 -15.52
N HIS B 198 -7.47 -27.60 -16.66
CA HIS B 198 -7.22 -28.95 -17.16
C HIS B 198 -5.82 -29.15 -17.71
N THR B 199 -5.26 -30.33 -17.41
CA THR B 199 -4.02 -30.79 -18.01
C THR B 199 -4.05 -32.31 -18.03
N GLY B 200 -3.05 -32.88 -18.64
CA GLY B 200 -2.88 -34.30 -18.73
C GLY B 200 -2.40 -34.99 -17.49
N PHE B 201 -2.47 -36.29 -17.56
CA PHE B 201 -2.00 -37.19 -16.52
C PHE B 201 -0.48 -37.05 -16.32
N LEU B 202 -0.07 -37.04 -15.06
CA LEU B 202 1.37 -36.96 -14.69
C LEU B 202 2.07 -35.72 -15.26
N THR B 203 1.38 -34.59 -15.20
CA THR B 203 1.95 -33.29 -15.64
C THR B 203 2.91 -32.81 -14.55
N GLU B 204 4.11 -32.35 -14.93
CA GLU B 204 5.10 -31.87 -13.98
C GLU B 204 4.56 -30.69 -13.21
N TYR B 205 4.92 -30.55 -11.93
CA TYR B 205 4.30 -29.56 -11.04
C TYR B 205 5.43 -29.02 -10.17
N VAL B 206 5.41 -27.72 -9.87
CA VAL B 206 6.56 -27.14 -9.14
C VAL B 206 6.40 -27.16 -7.61
N ALA B 207 5.15 -27.12 -7.15
CA ALA B 207 4.87 -27.05 -5.68
C ALA B 207 5.27 -28.32 -4.98
N THR B 208 5.51 -28.19 -3.70
CA THR B 208 6.06 -29.22 -2.86
C THR B 208 5.26 -30.52 -2.92
N ARG B 209 5.95 -31.60 -3.19
CA ARG B 209 5.32 -32.86 -3.50
C ARG B 209 4.31 -33.36 -2.43
N TRP B 210 4.70 -33.32 -1.15
CA TRP B 210 3.93 -33.97 -0.10
C TRP B 210 2.58 -33.29 0.13
N TYR B 211 2.42 -32.06 -0.36
CA TYR B 211 1.20 -31.27 -0.08
C TYR B 211 0.36 -31.11 -1.32
N ARG B 212 0.67 -31.83 -2.38
CA ARG B 212 -0.09 -31.79 -3.65
C ARG B 212 -1.38 -32.62 -3.59
N ALA B 213 -2.48 -31.99 -3.96
CA ALA B 213 -3.77 -32.70 -4.04
C ALA B 213 -3.72 -33.80 -5.13
N PRO B 214 -4.57 -34.84 -4.98
CA PRO B 214 -4.43 -35.96 -5.92
C PRO B 214 -4.67 -35.50 -7.40
N GLU B 215 -5.56 -34.56 -7.61
CA GLU B 215 -5.85 -34.12 -8.97
C GLU B 215 -4.67 -33.52 -9.68
N ILE B 216 -3.68 -33.01 -8.95
CA ILE B 216 -2.46 -32.52 -9.60
C ILE B 216 -1.82 -33.55 -10.48
N MET B 217 -1.86 -34.81 -10.04
CA MET B 217 -1.21 -35.90 -10.74
C MET B 217 -2.11 -36.52 -11.81
N LEU B 218 -3.36 -36.07 -11.85
CA LEU B 218 -4.37 -36.67 -12.69
C LEU B 218 -4.83 -35.80 -13.84
N ASN B 219 -5.23 -34.56 -13.50
CA ASN B 219 -5.93 -33.69 -14.50
C ASN B 219 -5.97 -32.21 -14.21
N SER B 220 -5.16 -31.77 -13.25
CA SER B 220 -5.28 -30.35 -12.79
C SER B 220 -3.97 -29.62 -12.71
N LYS B 221 -3.98 -28.34 -13.16
CA LYS B 221 -2.83 -27.46 -13.02
C LYS B 221 -2.82 -26.77 -11.66
N GLY B 222 -3.81 -26.98 -10.84
CA GLY B 222 -3.87 -26.33 -9.49
C GLY B 222 -4.30 -24.90 -9.57
N TYR B 223 -5.26 -24.60 -10.42
CA TYR B 223 -5.79 -23.26 -10.62
C TYR B 223 -7.13 -23.00 -9.98
N THR B 224 -7.47 -23.83 -8.98
CA THR B 224 -8.66 -23.55 -8.24
C THR B 224 -8.42 -23.61 -6.72
N LYS B 225 -9.31 -23.03 -5.98
CA LYS B 225 -9.15 -22.81 -4.54
C LYS B 225 -9.00 -24.12 -3.77
N SER B 226 -9.61 -25.17 -4.29
CA SER B 226 -9.54 -26.49 -3.66
C SER B 226 -8.12 -27.01 -3.52
N ILE B 227 -7.17 -26.48 -4.30
CA ILE B 227 -5.77 -26.90 -4.17
C ILE B 227 -5.21 -26.53 -2.81
N ASP B 228 -5.58 -25.35 -2.32
CA ASP B 228 -5.05 -24.88 -1.04
C ASP B 228 -5.67 -25.61 0.11
N ILE B 229 -6.96 -25.92 0.01
CA ILE B 229 -7.63 -26.64 1.08
C ILE B 229 -7.01 -28.01 1.30
N TRP B 230 -6.69 -28.72 0.22
CA TRP B 230 -5.96 -29.99 0.38
C TRP B 230 -4.67 -29.84 1.21
N SER B 231 -3.89 -28.83 0.85
CA SER B 231 -2.63 -28.57 1.55
C SER B 231 -2.87 -28.28 3.02
N VAL B 232 -3.93 -27.54 3.33
CA VAL B 232 -4.30 -27.27 4.74
C VAL B 232 -4.63 -28.56 5.46
N GLY B 233 -5.39 -29.46 4.78
CA GLY B 233 -5.64 -30.79 5.36
C GLY B 233 -4.37 -31.52 5.69
N CYS B 234 -3.41 -31.51 4.76
CA CYS B 234 -2.10 -32.12 5.02
C CYS B 234 -1.38 -31.49 6.21
N ILE B 235 -1.46 -30.19 6.34
CA ILE B 235 -0.87 -29.48 7.49
C ILE B 235 -1.57 -29.88 8.78
N LEU B 236 -2.92 -29.94 8.77
CA LEU B 236 -3.63 -30.37 9.96
C LEU B 236 -3.19 -31.75 10.41
N ALA B 237 -3.08 -32.67 9.48
CA ALA B 237 -2.64 -34.02 9.82
C ALA B 237 -1.28 -34.02 10.43
N GLU B 238 -0.41 -33.21 9.88
CA GLU B 238 0.93 -33.06 10.38
C GLU B 238 0.98 -32.44 11.79
N MET B 239 0.09 -31.49 12.10
CA MET B 239 -0.01 -30.95 13.47
C MET B 239 -0.53 -32.05 14.42
N LEU B 240 -1.41 -32.92 13.96
CA LEU B 240 -1.93 -33.99 14.82
C LEU B 240 -0.88 -35.04 15.19
N SER B 241 0.03 -35.34 14.29
CA SER B 241 0.89 -36.51 14.46
C SER B 241 2.40 -36.24 14.43
N ASN B 242 2.80 -35.02 14.07
CA ASN B 242 4.20 -34.66 13.89
C ASN B 242 4.89 -35.42 12.78
N ARG B 243 4.13 -35.85 11.79
CA ARG B 243 4.76 -36.39 10.62
C ARG B 243 3.88 -36.07 9.41
N PRO B 244 4.47 -36.02 8.23
CA PRO B 244 3.66 -35.79 7.06
C PRO B 244 2.71 -36.96 6.77
N ILE B 245 1.50 -36.65 6.33
CA ILE B 245 0.54 -37.71 6.07
C ILE B 245 0.78 -38.50 4.79
N PHE B 246 1.31 -37.78 3.77
CA PHE B 246 1.54 -38.36 2.46
C PHE B 246 2.98 -38.08 1.96
N PRO B 247 3.98 -38.74 2.54
CA PRO B 247 5.39 -38.47 2.16
C PRO B 247 5.82 -39.24 0.91
N GLY B 248 5.24 -38.92 -0.24
CA GLY B 248 5.62 -39.61 -1.49
C GLY B 248 7.12 -39.45 -1.74
N LYS B 249 7.74 -40.53 -2.23
CA LYS B 249 9.19 -40.61 -2.48
C LYS B 249 9.55 -40.14 -3.85
N HIS B 250 8.54 -39.90 -4.69
CA HIS B 250 8.64 -39.50 -6.09
C HIS B 250 7.28 -39.18 -6.60
N TYR B 251 7.23 -38.59 -7.78
CA TYR B 251 5.99 -38.00 -8.34
C TYR B 251 4.77 -38.92 -8.25
N LEU B 252 4.85 -40.10 -8.82
CA LEU B 252 3.69 -40.99 -8.87
C LEU B 252 3.41 -41.63 -7.51
N ASP B 253 4.46 -41.82 -6.75
CA ASP B 253 4.33 -42.38 -5.41
C ASP B 253 3.44 -41.49 -4.57
N GLN B 254 3.45 -40.21 -4.86
CA GLN B 254 2.61 -39.27 -4.10
C GLN B 254 1.15 -39.61 -4.27
N LEU B 255 0.78 -39.88 -5.50
CA LEU B 255 -0.60 -40.28 -5.79
C LEU B 255 -0.92 -41.61 -5.09
N ASN B 256 0.03 -42.53 -5.13
CA ASN B 256 -0.21 -43.81 -4.54
C ASN B 256 -0.37 -43.76 -3.03
N HIS B 257 0.41 -42.91 -2.36
CA HIS B 257 0.21 -42.68 -0.93
C HIS B 257 -1.19 -42.17 -0.61
N ILE B 258 -1.64 -41.20 -1.38
CA ILE B 258 -2.98 -40.64 -1.18
C ILE B 258 -4.05 -41.75 -1.33
N LEU B 259 -3.97 -42.51 -2.40
CA LEU B 259 -4.98 -43.53 -2.71
C LEU B 259 -4.93 -44.66 -1.64
N GLY B 260 -3.75 -44.94 -1.09
CA GLY B 260 -3.59 -45.94 -0.02
C GLY B 260 -4.34 -45.63 1.25
N ILE B 261 -4.56 -44.36 1.51
CA ILE B 261 -5.26 -43.89 2.66
C ILE B 261 -6.72 -43.57 2.34
N LEU B 262 -7.00 -42.88 1.24
CA LEU B 262 -8.35 -42.53 0.93
C LEU B 262 -9.14 -43.72 0.36
N GLY B 263 -8.46 -44.69 -0.18
CA GLY B 263 -9.13 -45.80 -0.91
C GLY B 263 -9.47 -45.44 -2.34
N SER B 264 -10.12 -46.38 -3.01
CA SER B 264 -10.44 -46.24 -4.45
C SER B 264 -11.46 -45.14 -4.66
N PRO B 265 -11.24 -44.28 -5.68
CA PRO B 265 -12.27 -43.33 -6.05
C PRO B 265 -13.57 -44.01 -6.44
N SER B 266 -14.69 -43.40 -6.09
CA SER B 266 -16.00 -43.92 -6.45
C SER B 266 -16.21 -43.74 -7.95
N GLN B 267 -17.25 -44.39 -8.48
CA GLN B 267 -17.53 -44.26 -9.90
C GLN B 267 -17.88 -42.83 -10.26
N GLU B 268 -18.60 -42.14 -9.39
CA GLU B 268 -18.93 -40.78 -9.66
C GLU B 268 -17.70 -39.92 -9.80
N ASP B 269 -16.73 -40.16 -8.89
CA ASP B 269 -15.49 -39.39 -8.91
C ASP B 269 -14.67 -39.76 -10.15
N LEU B 270 -14.63 -41.03 -10.53
CA LEU B 270 -14.03 -41.43 -11.78
C LEU B 270 -14.64 -40.74 -12.98
N ASN B 271 -15.97 -40.59 -12.98
CA ASN B 271 -16.66 -40.02 -14.13
C ASN B 271 -16.38 -38.55 -14.33
N CYS B 272 -15.74 -37.90 -13.36
CA CYS B 272 -15.30 -36.51 -13.50
C CYS B 272 -13.87 -36.39 -14.06
N ILE B 273 -13.23 -37.53 -14.35
CA ILE B 273 -11.85 -37.55 -14.89
C ILE B 273 -11.99 -38.23 -16.24
N ILE B 274 -11.79 -37.50 -17.33
CA ILE B 274 -11.98 -38.07 -18.71
C ILE B 274 -10.66 -38.30 -19.41
N ASN B 275 -9.56 -37.85 -18.80
CA ASN B 275 -8.22 -38.17 -19.29
C ASN B 275 -8.01 -39.68 -19.35
N MET B 276 -7.81 -40.20 -20.56
CA MET B 276 -7.80 -41.65 -20.74
CA MET B 276 -7.80 -41.63 -20.75
C MET B 276 -6.65 -42.33 -19.96
N LYS B 277 -5.48 -41.73 -19.97
CA LYS B 277 -4.37 -42.36 -19.24
C LYS B 277 -4.59 -42.33 -17.73
N ALA B 278 -5.17 -41.25 -17.22
CA ALA B 278 -5.43 -41.18 -15.78
C ALA B 278 -6.46 -42.25 -15.41
N ARG B 279 -7.52 -42.34 -16.21
CA ARG B 279 -8.63 -43.31 -15.92
C ARG B 279 -8.14 -44.73 -16.02
N ASN B 280 -7.39 -45.03 -17.06
CA ASN B 280 -6.85 -46.37 -17.19
C ASN B 280 -5.91 -46.70 -16.02
N TYR B 281 -5.08 -45.74 -15.60
CA TYR B 281 -4.26 -45.99 -14.42
C TYR B 281 -5.07 -46.29 -13.18
N LEU B 282 -6.03 -45.45 -12.88
CA LEU B 282 -6.82 -45.62 -11.65
C LEU B 282 -7.60 -46.93 -11.67
N GLN B 283 -8.06 -47.34 -12.86
CA GLN B 283 -8.90 -48.52 -12.99
C GLN B 283 -8.10 -49.79 -12.97
N SER B 284 -6.80 -49.67 -13.03
CA SER B 284 -5.92 -50.82 -12.97
C SER B 284 -5.57 -51.23 -11.55
N LEU B 285 -5.82 -50.34 -10.60
CA LEU B 285 -5.44 -50.54 -9.21
C LEU B 285 -6.43 -51.42 -8.44
N PRO B 286 -5.88 -52.23 -7.50
CA PRO B 286 -6.79 -53.04 -6.69
C PRO B 286 -7.75 -52.17 -5.87
N SER B 287 -8.97 -52.66 -5.69
CA SER B 287 -9.93 -51.90 -4.90
C SER B 287 -9.44 -51.83 -3.45
N LYS B 288 -9.66 -50.67 -2.86
CA LYS B 288 -9.22 -50.41 -1.50
CA LYS B 288 -9.21 -50.40 -1.50
C LYS B 288 -10.20 -49.51 -0.82
N THR B 289 -10.40 -49.69 0.49
CA THR B 289 -11.32 -48.87 1.22
C THR B 289 -10.61 -47.84 2.08
N LYS B 290 -11.35 -46.82 2.49
CA LYS B 290 -10.79 -45.69 3.25
C LYS B 290 -10.36 -46.05 4.67
N VAL B 291 -9.26 -45.46 5.10
CA VAL B 291 -8.88 -45.58 6.47
C VAL B 291 -9.93 -45.08 7.43
N ALA B 292 -9.91 -45.64 8.64
CA ALA B 292 -10.61 -45.03 9.76
C ALA B 292 -9.68 -43.97 10.38
N TRP B 293 -10.08 -42.69 10.26
CA TRP B 293 -9.17 -41.63 10.71
C TRP B 293 -8.75 -41.79 12.17
N ALA B 294 -9.65 -42.25 13.02
CA ALA B 294 -9.29 -42.39 14.43
C ALA B 294 -8.24 -43.48 14.71
N LYS B 295 -8.08 -44.42 13.78
CA LYS B 295 -7.06 -45.44 13.86
C LYS B 295 -5.69 -44.88 13.51
N LEU B 296 -5.64 -43.99 12.50
CA LEU B 296 -4.44 -43.31 12.12
C LEU B 296 -4.07 -42.26 13.14
N PHE B 297 -5.06 -41.63 13.78
CA PHE B 297 -4.89 -40.51 14.72
C PHE B 297 -5.62 -40.77 16.03
N PRO B 298 -5.13 -41.75 16.80
CA PRO B 298 -5.91 -42.27 17.97
C PRO B 298 -6.10 -41.34 19.17
N LYS B 299 -5.33 -40.29 19.25
CA LYS B 299 -5.40 -39.42 20.42
C LYS B 299 -5.89 -38.04 20.02
N SER B 300 -6.50 -37.97 18.84
CA SER B 300 -6.95 -36.68 18.32
C SER B 300 -8.44 -36.42 18.52
N ASP B 301 -8.80 -35.13 18.63
CA ASP B 301 -10.18 -34.64 18.75
C ASP B 301 -11.01 -35.10 17.56
N SER B 302 -12.12 -35.76 17.84
CA SER B 302 -13.00 -36.27 16.78
CA SER B 302 -13.01 -36.27 16.78
C SER B 302 -13.51 -35.16 15.84
N LYS B 303 -13.73 -33.97 16.36
CA LYS B 303 -14.11 -32.83 15.50
C LYS B 303 -12.98 -32.44 14.52
N ALA B 304 -11.76 -32.46 15.01
CA ALA B 304 -10.60 -32.22 14.12
C ALA B 304 -10.58 -33.23 12.98
N LEU B 305 -10.77 -34.54 13.33
CA LEU B 305 -10.73 -35.57 12.31
C LEU B 305 -11.83 -35.45 11.32
N ASP B 306 -13.00 -34.95 11.74
CA ASP B 306 -14.09 -34.74 10.83
C ASP B 306 -13.72 -33.67 9.82
N LEU B 307 -13.15 -32.59 10.32
CA LEU B 307 -12.70 -31.50 9.45
C LEU B 307 -11.58 -31.99 8.53
N LEU B 308 -10.66 -32.77 9.04
CA LEU B 308 -9.61 -33.35 8.25
C LEU B 308 -10.21 -34.15 7.09
N ASP B 309 -11.19 -35.01 7.40
CA ASP B 309 -11.87 -35.81 6.36
C ASP B 309 -12.42 -34.92 5.24
N ARG B 310 -13.02 -33.79 5.62
CA ARG B 310 -13.63 -32.89 4.70
C ARG B 310 -12.61 -32.11 3.83
N MET B 311 -11.44 -31.86 4.39
CA MET B 311 -10.36 -31.18 3.63
C MET B 311 -9.65 -32.14 2.68
N LEU B 312 -9.54 -33.40 3.07
CA LEU B 312 -8.84 -34.42 2.33
C LEU B 312 -9.79 -35.26 1.46
N THR B 313 -10.80 -34.62 0.92
CA THR B 313 -11.72 -35.27 0.05
CA THR B 313 -11.72 -35.30 -0.01
C THR B 313 -11.04 -35.45 -1.32
N PHE B 314 -11.14 -36.63 -1.96
CA PHE B 314 -10.50 -36.91 -3.23
C PHE B 314 -10.97 -35.97 -4.34
N ASN B 315 -12.29 -35.87 -4.48
CA ASN B 315 -12.86 -35.01 -5.51
C ASN B 315 -12.80 -33.54 -5.11
N PRO B 316 -12.06 -32.71 -5.88
CA PRO B 316 -11.92 -31.31 -5.48
C PRO B 316 -13.25 -30.56 -5.47
N ASN B 317 -14.18 -31.02 -6.26
CA ASN B 317 -15.51 -30.36 -6.31
C ASN B 317 -16.30 -30.57 -5.06
N LYS B 318 -15.98 -31.62 -4.29
CA LYS B 318 -16.68 -31.93 -3.07
C LYS B 318 -15.90 -31.52 -1.82
N ARG B 319 -14.71 -30.97 -2.03
CA ARG B 319 -13.83 -30.61 -0.92
C ARG B 319 -14.38 -29.34 -0.25
N ILE B 320 -14.28 -29.29 1.06
CA ILE B 320 -14.76 -28.16 1.84
C ILE B 320 -14.10 -26.84 1.40
N THR B 321 -14.84 -25.73 1.47
CA THR B 321 -14.31 -24.42 1.13
C THR B 321 -13.71 -23.75 2.34
N VAL B 322 -12.95 -22.68 2.14
CA VAL B 322 -12.37 -22.03 3.28
C VAL B 322 -13.46 -21.54 4.27
N GLU B 323 -14.54 -20.95 3.76
CA GLU B 323 -15.57 -20.45 4.68
C GLU B 323 -16.30 -21.59 5.42
N GLU B 324 -16.53 -22.69 4.73
CA GLU B 324 -17.17 -23.82 5.36
C GLU B 324 -16.29 -24.43 6.43
N ALA B 325 -14.97 -24.49 6.16
CA ALA B 325 -13.99 -24.95 7.15
C ALA B 325 -14.00 -24.07 8.40
N LEU B 326 -13.98 -22.75 8.21
CA LEU B 326 -14.03 -21.83 9.35
C LEU B 326 -15.28 -22.00 10.18
N ALA B 327 -16.37 -22.37 9.51
CA ALA B 327 -17.71 -22.60 10.15
C ALA B 327 -17.87 -23.98 10.76
N HIS B 328 -16.86 -24.85 10.65
CA HIS B 328 -16.96 -26.23 11.15
C HIS B 328 -16.89 -26.26 12.67
N PRO B 329 -17.59 -27.22 13.31
CA PRO B 329 -17.60 -27.26 14.79
C PRO B 329 -16.21 -27.23 15.47
N TYR B 330 -15.15 -27.77 14.83
CA TYR B 330 -13.85 -27.76 15.50
C TYR B 330 -13.39 -26.35 15.86
N LEU B 331 -13.81 -25.36 15.06
CA LEU B 331 -13.30 -24.01 15.15
C LEU B 331 -14.33 -23.05 15.78
N GLU B 332 -15.36 -23.60 16.40
CA GLU B 332 -16.43 -22.82 16.94
C GLU B 332 -16.03 -21.76 17.95
N GLN B 333 -14.98 -22.01 18.74
CA GLN B 333 -14.55 -20.99 19.71
C GLN B 333 -14.07 -19.68 19.03
N TYR B 334 -13.61 -19.79 17.76
CA TYR B 334 -12.94 -18.70 17.09
C TYR B 334 -13.76 -18.09 15.97
N TYR B 335 -14.56 -18.90 15.27
CA TYR B 335 -15.21 -18.41 14.05
C TYR B 335 -16.05 -17.16 14.32
N ASP B 336 -15.79 -16.13 13.54
CA ASP B 336 -16.40 -14.80 13.76
C ASP B 336 -16.28 -14.01 12.47
N PRO B 337 -17.26 -14.14 11.58
CA PRO B 337 -17.21 -13.40 10.30
C PRO B 337 -17.12 -11.88 10.45
N THR B 338 -17.43 -11.35 11.62
CA THR B 338 -17.20 -9.90 11.84
C THR B 338 -15.75 -9.53 12.11
N ASP B 339 -14.86 -10.53 12.27
CA ASP B 339 -13.46 -10.29 12.59
C ASP B 339 -12.55 -11.11 11.68
N GLU B 340 -13.02 -11.32 10.45
CA GLU B 340 -12.29 -12.11 9.43
C GLU B 340 -12.29 -11.28 8.12
N PRO B 341 -11.35 -10.34 8.03
CA PRO B 341 -11.37 -9.41 6.92
C PRO B 341 -11.23 -10.09 5.58
N VAL B 342 -11.83 -9.49 4.56
CA VAL B 342 -11.64 -9.92 3.18
C VAL B 342 -10.95 -8.81 2.37
N ALA B 343 -10.44 -9.17 1.21
CA ALA B 343 -9.87 -8.20 0.32
C ALA B 343 -11.00 -7.37 -0.31
N GLU B 344 -10.64 -6.14 -0.57
CA GLU B 344 -11.50 -5.18 -1.21
C GLU B 344 -11.89 -5.60 -2.63
N GLU B 345 -10.93 -6.21 -3.31
CA GLU B 345 -11.02 -6.39 -4.71
C GLU B 345 -10.16 -7.61 -5.18
N PRO B 346 -10.68 -8.37 -6.15
CA PRO B 346 -9.76 -9.40 -6.71
C PRO B 346 -8.55 -8.85 -7.47
N PHE B 347 -7.52 -9.67 -7.59
CA PHE B 347 -6.36 -9.40 -8.42
C PHE B 347 -6.47 -10.08 -9.79
N THR B 348 -5.71 -9.59 -10.73
CA THR B 348 -5.57 -10.23 -12.05
C THR B 348 -4.11 -10.33 -12.40
N PHE B 349 -3.71 -11.52 -12.89
CA PHE B 349 -2.38 -11.79 -13.48
C PHE B 349 -2.63 -12.60 -14.75
N ALA B 350 -2.49 -11.96 -15.90
CA ALA B 350 -2.73 -12.58 -17.21
C ALA B 350 -1.70 -13.63 -17.54
N MET B 351 -2.11 -14.63 -18.30
CA MET B 351 -1.19 -15.66 -18.80
C MET B 351 -0.04 -15.04 -19.55
N GLU B 352 -0.30 -13.91 -20.21
CA GLU B 352 0.74 -13.16 -20.96
C GLU B 352 1.97 -12.86 -20.11
N LEU B 353 1.74 -12.56 -18.84
CA LEU B 353 2.84 -12.29 -17.93
C LEU B 353 3.82 -13.44 -17.89
N ASP B 354 3.30 -14.67 -17.98
CA ASP B 354 4.16 -15.88 -17.96
C ASP B 354 5.08 -16.04 -19.19
N ASP B 355 4.82 -15.25 -20.23
CA ASP B 355 5.55 -15.30 -21.47
C ASP B 355 6.60 -14.20 -21.53
N LEU B 356 6.56 -13.21 -20.63
CA LEU B 356 7.51 -12.08 -20.72
C LEU B 356 8.91 -12.61 -20.48
N PRO B 357 9.86 -12.11 -21.24
CA PRO B 357 11.20 -12.55 -20.98
C PRO B 357 11.72 -11.92 -19.71
N LYS B 358 12.83 -12.44 -19.23
CA LYS B 358 13.32 -12.05 -17.92
CA LYS B 358 13.36 -12.06 -17.93
C LYS B 358 13.73 -10.58 -17.87
N GLU B 359 14.19 -9.99 -18.98
CA GLU B 359 14.56 -8.60 -18.94
C GLU B 359 13.35 -7.67 -18.78
N ARG B 360 12.19 -8.06 -19.32
CA ARG B 360 10.98 -7.30 -19.11
C ARG B 360 10.44 -7.49 -17.70
N LEU B 361 10.50 -8.73 -17.17
CA LEU B 361 10.19 -8.94 -15.76
C LEU B 361 11.09 -8.12 -14.84
N LYS B 362 12.34 -7.96 -15.19
CA LYS B 362 13.25 -7.19 -14.36
C LYS B 362 12.79 -5.71 -14.31
N GLU B 363 12.36 -5.17 -15.46
CA GLU B 363 11.80 -3.82 -15.50
C GLU B 363 10.58 -3.68 -14.60
N LEU B 364 9.72 -4.68 -14.56
CA LEU B 364 8.58 -4.62 -13.68
C LEU B 364 8.97 -4.71 -12.19
N ILE B 365 9.98 -5.55 -11.87
CA ILE B 365 10.51 -5.57 -10.51
C ILE B 365 11.14 -4.23 -10.11
N PHE B 366 11.84 -3.60 -11.05
CA PHE B 366 12.39 -2.26 -10.82
C PHE B 366 11.27 -1.26 -10.51
N GLN B 367 10.17 -1.34 -11.30
CA GLN B 367 9.01 -0.45 -11.07
C GLN B 367 8.35 -0.72 -9.72
N GLU B 368 8.10 -1.98 -9.38
CA GLU B 368 7.36 -2.31 -8.16
C GLU B 368 8.16 -1.92 -6.92
N THR B 369 9.49 -1.96 -6.98
CA THR B 369 10.37 -1.66 -5.86
C THR B 369 10.68 -0.18 -5.75
N ALA B 370 10.33 0.61 -6.78
CA ALA B 370 10.70 2.01 -6.83
C ALA B 370 10.20 2.84 -5.63
N ARG B 371 9.01 2.58 -5.15
CA ARG B 371 8.46 3.44 -4.11
C ARG B 371 9.19 3.38 -2.76
N PHE B 372 10.10 2.41 -2.63
CA PHE B 372 10.97 2.30 -1.45
C PHE B 372 12.29 2.95 -1.65
N GLN B 373 12.53 3.53 -2.83
CA GLN B 373 13.75 4.29 -3.09
C GLN B 373 13.66 5.75 -2.54
N PRO B 374 14.80 6.38 -2.30
CA PRO B 374 16.11 5.75 -2.41
C PRO B 374 16.49 5.11 -1.07
N GLY B 375 17.66 4.53 -1.01
CA GLY B 375 18.22 4.02 0.26
C GLY B 375 18.94 5.09 1.08
#